data_6YE7
#
_entry.id   6YE7
#
_cell.length_a   70.869
_cell.length_b   70.869
_cell.length_c   271.185
_cell.angle_alpha   90.000
_cell.angle_beta   90.000
_cell.angle_gamma   120.000
#
_symmetry.space_group_name_H-M   'P 32 2 1'
#
loop_
_entity.id
_entity.type
_entity.pdbx_description
1 polymer 'Putrescine-binding periplasmic protein'
2 non-polymer PENTANE-1,5-DIAMINE
3 non-polymer 1,2-ETHANEDIOL
4 non-polymer 'TETRAETHYLENE GLYCOL'
5 non-polymer DI(HYDROXYETHYL)ETHER
6 non-polymer 'TRIETHYLENE GLYCOL'
7 non-polymer TRIS(HYDROXYETHYL)AMINOMETHANE
8 non-polymer 'CHLORIDE ION'
9 non-polymer 3,6,9,12,15,18-HEXAOXAICOSANE-1,20-DIOL
10 non-polymer 'MALONATE ION'
11 non-polymer 'PENTAETHYLENE GLYCOL'
12 water water
#
_entity_poly.entity_id   1
_entity_poly.type   'polypeptide(L)'
_entity_poly.pdbx_seq_one_letter_code
;AEQKTLHIYNWSDYIAPDTVANFEKETGIKVVYDVFDSNEVLEGKLMAGSTGFDLVVPSASFLERQLTAGVFQPLDKSKL
PEWKNLDPELLKLVAKHDPDNKFAMPYMWATTGIGYNVDKVKAVLGENAPVDSWDLILKPENLEKLKSCGVSFLDAPEEV
FATVLNYLGKDPNSTKADDYTGPATDLLLKLRPNIRYFHSSQYINDLANGDICVAIGWAGDVWQASNRAKEAKNGVNVSF
SIPKEGAMAFFDVFAMPADAKNKDEAYQFLNYLLRPDVVAHISDHVFYANANKAATPLVSAEVRENPGIYPPADVRAKLF
TLKVQDPKIDRVRTRAWTKVKSGKLEHHHHHH
;
_entity_poly.pdbx_strand_id   A,B
#
# COMPACT_ATOMS: atom_id res chain seq x y z
N GLN A 3 31.62 5.69 -4.50
CA GLN A 3 30.79 4.48 -4.60
C GLN A 3 29.43 4.82 -5.18
N LYS A 4 29.19 4.37 -6.41
CA LYS A 4 27.95 4.69 -7.08
C LYS A 4 26.83 3.79 -6.59
N THR A 5 25.63 4.34 -6.49
CA THR A 5 24.45 3.61 -6.06
C THR A 5 23.35 3.87 -7.08
N LEU A 6 22.32 3.02 -7.06
CA LEU A 6 21.20 3.16 -7.97
C LEU A 6 19.96 2.64 -7.28
N HIS A 7 18.88 3.44 -7.22
CA HIS A 7 17.64 3.06 -6.58
C HIS A 7 16.57 2.73 -7.61
N ILE A 8 16.04 1.51 -7.55
CA ILE A 8 15.08 1.00 -8.53
C ILE A 8 13.82 0.53 -7.82
N TYR A 9 12.66 0.95 -8.32
CA TYR A 9 11.35 0.53 -7.83
C TYR A 9 10.63 -0.19 -8.97
N ASN A 10 10.44 -1.48 -8.84
CA ASN A 10 9.84 -2.32 -9.89
C ASN A 10 8.70 -3.14 -9.32
N TRP A 11 7.86 -3.67 -10.20
CA TRP A 11 6.90 -4.67 -9.73
C TRP A 11 7.64 -5.83 -9.05
N SER A 12 6.99 -6.41 -8.05
CA SER A 12 7.44 -7.68 -7.51
C SER A 12 7.37 -8.76 -8.59
N ASP A 13 8.19 -9.80 -8.42
CA ASP A 13 8.16 -10.98 -9.31
C ASP A 13 8.30 -10.57 -10.78
N TYR A 14 9.27 -9.70 -11.06
CA TYR A 14 9.38 -9.08 -12.38
C TYR A 14 10.82 -8.88 -12.80
N ILE A 15 11.72 -9.75 -12.33
CA ILE A 15 13.13 -9.70 -12.70
C ILE A 15 13.70 -11.08 -12.45
N ALA A 16 14.79 -11.41 -13.11
CA ALA A 16 15.40 -12.70 -12.83
C ALA A 16 16.18 -12.62 -11.53
N PRO A 17 16.41 -13.77 -10.89
CA PRO A 17 17.06 -13.75 -9.57
C PRO A 17 18.47 -13.18 -9.58
N ASP A 18 19.16 -13.22 -10.73
CA ASP A 18 20.55 -12.76 -10.79
C ASP A 18 20.76 -11.48 -11.59
N THR A 19 19.69 -10.88 -12.13
CA THR A 19 19.83 -9.70 -13.00
C THR A 19 20.60 -8.59 -12.28
N VAL A 20 20.17 -8.22 -11.08
CA VAL A 20 20.80 -7.11 -10.39
C VAL A 20 22.22 -7.45 -9.96
N ALA A 21 22.44 -8.66 -9.43
CA ALA A 21 23.79 -9.04 -9.04
C ALA A 21 24.73 -9.02 -10.24
N ASN A 22 24.25 -9.48 -11.40
CA ASN A 22 25.11 -9.48 -12.59
C ASN A 22 25.47 -8.05 -12.99
N PHE A 23 24.49 -7.15 -12.91
CA PHE A 23 24.73 -5.75 -13.21
C PHE A 23 25.70 -5.11 -12.22
N GLU A 24 25.52 -5.41 -10.93
CA GLU A 24 26.47 -4.91 -9.93
C GLU A 24 27.89 -5.39 -10.23
N LYS A 25 28.03 -6.68 -10.57
CA LYS A 25 29.37 -7.21 -10.82
C LYS A 25 30.01 -6.55 -12.03
N GLU A 26 29.23 -6.27 -13.07
CA GLU A 26 29.82 -5.71 -14.28
C GLU A 26 30.23 -4.25 -14.07
N THR A 27 29.40 -3.48 -13.35
CA THR A 27 29.53 -2.03 -13.30
C THR A 27 30.10 -1.50 -12.01
N GLY A 28 30.08 -2.29 -10.93
CA GLY A 28 30.50 -1.78 -9.65
C GLY A 28 29.52 -0.83 -9.01
N ILE A 29 28.31 -0.78 -9.53
CA ILE A 29 27.24 0.04 -8.97
C ILE A 29 26.49 -0.79 -7.94
N LYS A 30 26.23 -0.20 -6.78
CA LYS A 30 25.36 -0.83 -5.79
C LYS A 30 23.91 -0.49 -6.11
N VAL A 31 23.08 -1.51 -6.23
CA VAL A 31 21.67 -1.32 -6.58
C VAL A 31 20.82 -1.52 -5.33
N VAL A 32 19.97 -0.53 -5.03
CA VAL A 32 18.93 -0.68 -4.02
C VAL A 32 17.63 -0.95 -4.76
N TYR A 33 17.06 -2.13 -4.56
CA TYR A 33 15.94 -2.63 -5.33
C TYR A 33 14.76 -2.84 -4.40
N ASP A 34 13.62 -2.24 -4.73
CA ASP A 34 12.41 -2.38 -3.94
C ASP A 34 11.24 -2.62 -4.89
N VAL A 35 10.16 -3.20 -4.37
CA VAL A 35 9.09 -3.70 -5.22
C VAL A 35 7.71 -3.25 -4.71
N PHE A 36 6.75 -3.23 -5.65
CA PHE A 36 5.38 -2.85 -5.42
C PHE A 36 4.47 -3.77 -6.24
N ASP A 37 3.16 -3.73 -5.93
CA ASP A 37 2.24 -4.55 -6.74
C ASP A 37 1.01 -3.76 -7.18
N SER A 38 1.13 -2.43 -7.22
CA SER A 38 0.00 -1.56 -7.49
C SER A 38 0.42 -0.32 -8.26
N ASN A 39 -0.24 -0.07 -9.40
CA ASN A 39 -0.06 1.22 -10.06
C ASN A 39 -0.52 2.38 -9.19
N GLU A 40 -1.53 2.16 -8.35
CA GLU A 40 -2.03 3.23 -7.50
C GLU A 40 -0.99 3.63 -6.46
N VAL A 41 -0.28 2.65 -5.90
CA VAL A 41 0.75 3.00 -4.90
C VAL A 41 1.84 3.84 -5.54
N LEU A 42 2.33 3.43 -6.72
CA LEU A 42 3.37 4.18 -7.42
C LEU A 42 2.89 5.57 -7.82
N GLU A 43 1.69 5.65 -8.39
CA GLU A 43 1.17 6.96 -8.77
C GLU A 43 1.02 7.88 -7.55
N GLY A 44 0.50 7.35 -6.43
CA GLY A 44 0.42 8.14 -5.22
C GLY A 44 1.76 8.69 -4.79
N LYS A 45 2.81 7.86 -4.83
CA LYS A 45 4.14 8.33 -4.46
C LYS A 45 4.63 9.41 -5.41
N LEU A 46 4.36 9.23 -6.71
CA LEU A 46 4.81 10.23 -7.69
C LEU A 46 4.08 11.56 -7.49
N MET A 47 2.84 11.52 -7.05
CA MET A 47 2.08 12.77 -6.92
C MET A 47 2.25 13.42 -5.57
N ALA A 48 2.73 12.69 -4.57
CA ALA A 48 2.83 13.24 -3.22
C ALA A 48 4.15 13.91 -2.91
N GLY A 49 5.20 13.62 -3.67
CA GLY A 49 6.50 14.20 -3.41
C GLY A 49 7.56 13.39 -4.13
N SER A 50 8.79 13.51 -3.64
CA SER A 50 9.87 12.71 -4.22
C SER A 50 9.66 11.23 -3.91
N THR A 51 9.92 10.40 -4.91
CA THR A 51 9.90 8.95 -4.73
C THR A 51 11.19 8.43 -4.12
N GLY A 52 12.27 9.19 -4.21
CA GLY A 52 13.58 8.70 -3.77
C GLY A 52 14.18 7.67 -4.69
N PHE A 53 13.57 7.41 -5.85
CA PHE A 53 14.08 6.41 -6.78
C PHE A 53 14.66 7.05 -8.03
N ASP A 54 15.62 6.34 -8.65
CA ASP A 54 16.21 6.74 -9.89
C ASP A 54 15.48 6.16 -11.09
N LEU A 55 14.80 5.03 -10.90
CA LEU A 55 14.01 4.37 -11.94
C LEU A 55 12.78 3.78 -11.28
N VAL A 56 11.61 3.94 -11.94
CA VAL A 56 10.33 3.37 -11.52
C VAL A 56 9.67 2.76 -12.75
N VAL A 57 8.70 1.87 -12.51
CA VAL A 57 8.18 1.07 -13.62
C VAL A 57 6.65 1.09 -13.63
N PRO A 58 6.02 2.20 -14.03
CA PRO A 58 4.56 2.23 -14.14
C PRO A 58 4.08 1.46 -15.37
N SER A 59 2.80 1.09 -15.34
CA SER A 59 2.13 0.74 -16.58
C SER A 59 2.01 1.99 -17.44
N ALA A 60 2.12 1.80 -18.76
CA ALA A 60 2.14 2.94 -19.66
C ALA A 60 0.87 3.78 -19.59
N SER A 61 -0.29 3.17 -19.34
CA SER A 61 -1.50 3.99 -19.27
C SER A 61 -1.48 4.93 -18.08
N PHE A 62 -0.85 4.53 -16.98
CA PHE A 62 -0.67 5.43 -15.86
C PHE A 62 0.38 6.49 -16.18
N LEU A 63 1.48 6.10 -16.82
CA LEU A 63 2.49 7.07 -17.19
C LEU A 63 1.91 8.16 -18.08
N GLU A 64 0.92 7.81 -18.92
CA GLU A 64 0.31 8.80 -19.82
C GLU A 64 -0.12 10.04 -19.05
N ARG A 65 -0.84 9.87 -17.94
CA ARG A 65 -1.23 11.08 -17.20
C ARG A 65 -0.11 11.61 -16.28
N GLN A 66 0.78 10.72 -15.80
CA GLN A 66 1.88 11.17 -14.95
C GLN A 66 2.80 12.12 -15.68
N LEU A 67 2.99 11.93 -16.98
CA LEU A 67 3.82 12.84 -17.75
C LEU A 67 3.35 14.27 -17.61
N THR A 68 2.03 14.48 -17.66
CA THR A 68 1.51 15.84 -17.62
C THR A 68 1.71 16.52 -16.27
N ALA A 69 2.04 15.76 -15.21
CA ALA A 69 2.36 16.37 -13.92
C ALA A 69 3.84 16.67 -13.78
N GLY A 70 4.64 16.34 -14.78
CA GLY A 70 6.05 16.70 -14.78
C GLY A 70 6.90 15.85 -13.85
N VAL A 71 6.46 14.63 -13.52
CA VAL A 71 7.20 13.83 -12.55
C VAL A 71 8.35 13.05 -13.17
N PHE A 72 8.48 13.03 -14.49
CA PHE A 72 9.50 12.26 -15.18
C PHE A 72 10.36 13.18 -16.04
N GLN A 73 11.59 12.79 -16.24
CA GLN A 73 12.42 13.51 -17.20
C GLN A 73 12.55 12.73 -18.50
N PRO A 74 12.66 13.40 -19.65
CA PRO A 74 12.80 12.67 -20.91
C PRO A 74 14.11 11.90 -20.99
N LEU A 75 14.05 10.74 -21.63
CA LEU A 75 15.20 9.86 -21.77
C LEU A 75 16.13 10.40 -22.88
N ASP A 76 17.39 10.51 -22.55
CA ASP A 76 18.42 10.92 -23.53
C ASP A 76 18.78 9.74 -24.42
N LYS A 77 18.19 9.69 -25.62
CA LYS A 77 18.38 8.54 -26.49
C LYS A 77 19.84 8.39 -26.91
N SER A 78 20.61 9.48 -26.90
CA SER A 78 22.02 9.36 -27.18
C SER A 78 22.71 8.47 -26.17
N LYS A 79 22.11 8.31 -24.98
CA LYS A 79 22.66 7.40 -23.98
C LYS A 79 21.97 6.05 -24.01
N LEU A 80 21.13 5.80 -25.01
CA LEU A 80 20.40 4.52 -25.14
C LEU A 80 20.64 3.98 -26.54
N PRO A 81 21.89 3.68 -26.87
CA PRO A 81 22.21 3.42 -28.29
C PRO A 81 21.50 2.22 -28.88
N GLU A 82 21.23 1.19 -28.09
CA GLU A 82 20.56 -0.02 -28.56
C GLU A 82 19.05 0.01 -28.33
N TRP A 83 18.48 1.20 -28.15
CA TRP A 83 17.04 1.42 -28.23
C TRP A 83 16.50 0.68 -29.44
N LYS A 84 17.35 0.59 -30.48
CA LYS A 84 17.04 -0.06 -31.73
C LYS A 84 16.50 -1.47 -31.56
N ASN A 85 16.88 -2.15 -30.48
CA ASN A 85 16.45 -3.52 -30.24
C ASN A 85 14.96 -3.62 -29.95
N LEU A 86 14.34 -2.54 -29.47
CA LEU A 86 12.95 -2.60 -29.11
C LEU A 86 12.05 -2.79 -30.32
N ASP A 87 10.99 -3.56 -30.14
CA ASP A 87 10.04 -3.87 -31.20
C ASP A 87 9.32 -2.61 -31.66
N PRO A 88 9.41 -2.23 -32.94
CA PRO A 88 8.78 -0.97 -33.36
C PRO A 88 7.27 -0.99 -33.22
N GLU A 89 6.61 -2.14 -33.35
CA GLU A 89 5.16 -2.15 -33.21
C GLU A 89 4.74 -1.92 -31.75
N LEU A 90 5.49 -2.48 -30.80
CA LEU A 90 5.20 -2.20 -29.40
C LEU A 90 5.54 -0.76 -29.06
N LEU A 91 6.63 -0.22 -29.63
CA LEU A 91 6.92 1.18 -29.40
C LEU A 91 5.78 2.07 -29.86
N LYS A 92 5.16 1.73 -31.00
CA LYS A 92 4.08 2.56 -31.52
C LYS A 92 2.87 2.51 -30.60
N LEU A 93 2.55 1.34 -30.08
CA LEU A 93 1.46 1.22 -29.11
C LEU A 93 1.75 2.01 -27.84
N VAL A 94 2.98 1.93 -27.35
CA VAL A 94 3.31 2.66 -26.13
C VAL A 94 3.33 4.16 -26.41
N ALA A 95 3.65 4.56 -27.65
CA ALA A 95 3.67 6.00 -27.99
C ALA A 95 2.28 6.62 -27.91
N LYS A 96 1.21 5.81 -27.93
CA LYS A 96 -0.12 6.36 -27.69
C LYS A 96 -0.20 6.96 -26.30
N HIS A 97 0.57 6.42 -25.36
CA HIS A 97 0.64 6.91 -23.99
C HIS A 97 1.81 7.87 -23.76
N ASP A 98 2.87 7.70 -24.53
CA ASP A 98 4.12 8.42 -24.38
C ASP A 98 4.53 8.94 -25.75
N PRO A 99 4.00 10.10 -26.16
CA PRO A 99 4.25 10.58 -27.53
C PRO A 99 5.73 10.59 -27.92
N ASP A 100 6.01 10.04 -29.10
CA ASP A 100 7.36 9.91 -29.66
C ASP A 100 8.31 9.16 -28.73
N ASN A 101 7.76 8.35 -27.83
CA ASN A 101 8.55 7.51 -26.93
C ASN A 101 9.61 8.32 -26.20
N LYS A 102 9.23 9.51 -25.70
CA LYS A 102 10.26 10.37 -25.15
C LYS A 102 10.64 10.04 -23.71
N PHE A 103 9.74 9.41 -22.94
CA PHE A 103 9.92 9.23 -21.51
C PHE A 103 10.01 7.79 -21.03
N ALA A 104 9.53 6.83 -21.80
CA ALA A 104 9.30 5.51 -21.27
C ALA A 104 10.06 4.46 -22.09
N MET A 105 10.68 3.52 -21.40
CA MET A 105 11.30 2.40 -22.10
C MET A 105 10.48 1.12 -21.91
N PRO A 106 9.86 0.59 -22.95
CA PRO A 106 9.07 -0.63 -22.79
C PRO A 106 9.90 -1.77 -22.22
N TYR A 107 9.34 -2.43 -21.20
CA TYR A 107 10.04 -3.51 -20.48
C TYR A 107 9.40 -4.85 -20.79
N MET A 108 8.18 -5.08 -20.33
CA MET A 108 7.41 -6.30 -20.49
C MET A 108 5.98 -5.91 -20.83
N TRP A 109 5.23 -6.85 -21.40
CA TRP A 109 3.81 -6.61 -21.60
C TRP A 109 3.04 -7.92 -21.47
N ALA A 110 1.77 -7.81 -21.07
CA ALA A 110 0.92 -9.00 -21.03
C ALA A 110 -0.55 -8.56 -20.93
N THR A 111 -1.40 -9.46 -20.47
CA THR A 111 -2.84 -9.25 -20.41
C THR A 111 -3.35 -9.56 -19.03
N THR A 112 -4.55 -9.04 -18.77
CA THR A 112 -5.27 -9.24 -17.51
C THR A 112 -6.35 -10.26 -17.81
N GLY A 113 -6.17 -11.48 -17.30
CA GLY A 113 -7.07 -12.56 -17.63
C GLY A 113 -7.42 -13.38 -16.42
N ILE A 114 -7.63 -14.67 -16.64
CA ILE A 114 -8.10 -15.59 -15.60
C ILE A 114 -7.03 -16.65 -15.35
N GLY A 115 -6.53 -16.70 -14.12
CA GLY A 115 -5.72 -17.80 -13.67
C GLY A 115 -6.57 -18.79 -12.89
N TYR A 116 -6.31 -20.06 -13.08
CA TYR A 116 -7.17 -21.05 -12.43
C TYR A 116 -6.49 -22.38 -12.24
N ASN A 117 -6.98 -23.11 -11.22
CA ASN A 117 -6.57 -24.49 -10.96
C ASN A 117 -7.43 -25.38 -11.84
N VAL A 118 -6.78 -26.03 -12.82
CA VAL A 118 -7.51 -26.80 -13.83
C VAL A 118 -8.42 -27.85 -13.19
N ASP A 119 -7.85 -28.64 -12.29
CA ASP A 119 -8.60 -29.75 -11.74
C ASP A 119 -9.72 -29.27 -10.83
N LYS A 120 -9.48 -28.23 -10.03
CA LYS A 120 -10.50 -27.82 -9.08
C LYS A 120 -11.65 -27.13 -9.79
N VAL A 121 -11.35 -26.36 -10.84
CA VAL A 121 -12.42 -25.68 -11.58
C VAL A 121 -13.30 -26.70 -12.31
N LYS A 122 -12.69 -27.74 -12.88
CA LYS A 122 -13.49 -28.76 -13.58
C LYS A 122 -14.27 -29.61 -12.61
N ALA A 123 -13.71 -29.85 -11.43
CA ALA A 123 -14.45 -30.56 -10.40
C ALA A 123 -15.72 -29.81 -10.02
N VAL A 124 -15.62 -28.49 -9.88
CA VAL A 124 -16.73 -27.70 -9.37
C VAL A 124 -17.74 -27.39 -10.46
N LEU A 125 -17.27 -26.92 -11.62
CA LEU A 125 -18.13 -26.51 -12.71
C LEU A 125 -18.22 -27.56 -13.82
N GLY A 126 -17.57 -28.70 -13.65
CA GLY A 126 -17.62 -29.77 -14.61
C GLY A 126 -16.51 -29.67 -15.63
N GLU A 127 -16.35 -30.76 -16.38
CA GLU A 127 -15.30 -30.85 -17.39
C GLU A 127 -15.42 -29.75 -18.41
N ASN A 128 -16.64 -29.29 -18.68
CA ASN A 128 -16.87 -28.25 -19.68
C ASN A 128 -16.94 -26.86 -19.07
N ALA A 129 -16.34 -26.66 -17.90
CA ALA A 129 -16.25 -25.34 -17.29
C ALA A 129 -15.80 -24.31 -18.31
N PRO A 130 -16.41 -23.10 -18.32
CA PRO A 130 -16.06 -22.15 -19.39
C PRO A 130 -14.83 -21.30 -19.11
N VAL A 131 -13.68 -21.98 -19.04
CA VAL A 131 -12.43 -21.32 -18.70
C VAL A 131 -11.89 -20.46 -19.83
N ASP A 132 -12.54 -20.48 -20.98
CA ASP A 132 -12.23 -19.60 -22.10
C ASP A 132 -13.08 -18.36 -22.12
N SER A 133 -13.81 -18.07 -21.03
CA SER A 133 -14.77 -16.98 -21.04
C SER A 133 -14.79 -16.30 -19.68
N TRP A 134 -14.99 -14.97 -19.67
CA TRP A 134 -15.21 -14.27 -18.40
C TRP A 134 -16.43 -14.79 -17.67
N ASP A 135 -17.33 -15.52 -18.35
CA ASP A 135 -18.44 -16.17 -17.68
C ASP A 135 -17.96 -17.00 -16.49
N LEU A 136 -16.72 -17.52 -16.56
CA LEU A 136 -16.25 -18.40 -15.50
C LEU A 136 -16.35 -17.72 -14.13
N ILE A 137 -16.08 -16.42 -14.09
CA ILE A 137 -15.98 -15.69 -12.84
C ILE A 137 -16.89 -14.48 -12.77
N LEU A 138 -17.48 -14.03 -13.89
CA LEU A 138 -18.34 -12.85 -13.87
C LEU A 138 -19.82 -13.20 -13.97
N LYS A 139 -20.16 -14.48 -14.08
CA LYS A 139 -21.54 -14.90 -13.91
C LYS A 139 -21.72 -15.32 -12.46
N PRO A 140 -22.60 -14.67 -11.70
CA PRO A 140 -22.72 -15.00 -10.26
C PRO A 140 -22.94 -16.46 -9.97
N GLU A 141 -23.70 -17.17 -10.81
CA GLU A 141 -24.00 -18.57 -10.55
C GLU A 141 -22.72 -19.41 -10.55
N ASN A 142 -21.77 -19.08 -11.43
CA ASN A 142 -20.51 -19.81 -11.44
C ASN A 142 -19.63 -19.41 -10.25
N LEU A 143 -19.59 -18.12 -9.95
CA LEU A 143 -18.71 -17.69 -8.86
C LEU A 143 -19.19 -18.22 -7.53
N GLU A 144 -20.51 -18.39 -7.35
CA GLU A 144 -21.01 -18.97 -6.11
C GLU A 144 -20.50 -20.39 -5.90
N LYS A 145 -20.32 -21.14 -6.99
CA LYS A 145 -19.82 -22.50 -6.86
C LYS A 145 -18.32 -22.50 -6.63
N LEU A 146 -17.60 -21.63 -7.32
CA LEU A 146 -16.15 -21.54 -7.21
C LEU A 146 -15.72 -21.00 -5.85
N LYS A 147 -16.61 -20.31 -5.17
CA LYS A 147 -16.39 -19.94 -3.77
C LYS A 147 -15.86 -21.14 -2.98
N SER A 148 -16.28 -22.35 -3.37
CA SER A 148 -15.92 -23.55 -2.62
C SER A 148 -14.41 -23.78 -2.56
N CYS A 149 -13.68 -23.31 -3.56
CA CYS A 149 -12.22 -23.49 -3.57
C CYS A 149 -11.44 -22.19 -3.59
N GLY A 150 -12.12 -21.03 -3.56
CA GLY A 150 -11.44 -19.75 -3.35
C GLY A 150 -11.26 -18.91 -4.60
N VAL A 151 -11.67 -17.64 -4.51
CA VAL A 151 -11.68 -16.70 -5.61
C VAL A 151 -10.92 -15.45 -5.21
N SER A 152 -10.02 -14.96 -6.09
CA SER A 152 -9.42 -13.66 -5.82
C SER A 152 -9.56 -12.75 -7.04
N PHE A 153 -9.74 -11.46 -6.77
CA PHE A 153 -9.68 -10.41 -7.79
C PHE A 153 -8.46 -9.52 -7.56
N LEU A 154 -7.92 -8.97 -8.64
CA LEU A 154 -6.85 -8.00 -8.51
C LEU A 154 -7.34 -6.77 -7.76
N ASP A 155 -6.45 -6.18 -6.99
CA ASP A 155 -6.71 -4.89 -6.35
C ASP A 155 -6.28 -3.77 -7.30
N ALA A 156 -6.95 -3.73 -8.44
CA ALA A 156 -6.57 -2.86 -9.57
C ALA A 156 -7.84 -2.28 -10.16
N PRO A 157 -8.33 -1.16 -9.59
CA PRO A 157 -9.68 -0.69 -9.95
C PRO A 157 -9.86 -0.38 -11.41
N GLU A 158 -8.89 0.28 -12.06
CA GLU A 158 -9.10 0.66 -13.46
C GLU A 158 -9.19 -0.58 -14.32
N GLU A 159 -8.41 -1.61 -14.00
CA GLU A 159 -8.42 -2.82 -14.81
C GLU A 159 -9.69 -3.63 -14.58
N VAL A 160 -10.14 -3.73 -13.33
CA VAL A 160 -11.33 -4.51 -13.05
C VAL A 160 -12.56 -3.86 -13.66
N PHE A 161 -12.72 -2.54 -13.52
CA PHE A 161 -13.91 -1.92 -14.11
C PHE A 161 -13.88 -2.01 -15.63
N ALA A 162 -12.71 -1.82 -16.26
CA ALA A 162 -12.68 -1.94 -17.72
C ALA A 162 -13.03 -3.35 -18.16
N THR A 163 -12.56 -4.36 -17.41
CA THR A 163 -12.89 -5.74 -17.73
C THR A 163 -14.40 -5.99 -17.59
N VAL A 164 -14.99 -5.49 -16.52
CA VAL A 164 -16.43 -5.68 -16.31
C VAL A 164 -17.23 -4.96 -17.38
N LEU A 165 -16.85 -3.73 -17.70
CA LEU A 165 -17.57 -2.98 -18.74
C LEU A 165 -17.51 -3.70 -20.07
N ASN A 166 -16.33 -4.19 -20.45
CA ASN A 166 -16.23 -4.93 -21.70
C ASN A 166 -17.13 -6.16 -21.67
N TYR A 167 -17.13 -6.86 -20.55
CA TYR A 167 -17.97 -8.06 -20.40
C TYR A 167 -19.45 -7.74 -20.55
N LEU A 168 -19.87 -6.58 -20.10
CA LEU A 168 -21.25 -6.14 -20.21
C LEU A 168 -21.57 -5.55 -21.57
N GLY A 169 -20.62 -5.59 -22.52
CA GLY A 169 -20.87 -5.05 -23.84
C GLY A 169 -20.77 -3.55 -23.95
N LYS A 170 -20.20 -2.89 -22.94
CA LYS A 170 -19.97 -1.46 -22.94
C LYS A 170 -18.55 -1.17 -23.46
N ASP A 171 -18.31 0.08 -23.79
CA ASP A 171 -16.97 0.58 -24.06
C ASP A 171 -16.10 0.29 -22.84
N PRO A 172 -14.98 -0.42 -22.98
CA PRO A 172 -14.15 -0.69 -21.81
C PRO A 172 -13.73 0.58 -21.10
N ASN A 173 -13.62 1.67 -21.85
CA ASN A 173 -13.28 2.99 -21.31
C ASN A 173 -14.47 3.92 -21.30
N SER A 174 -15.65 3.39 -21.00
CA SER A 174 -16.87 4.18 -21.01
C SER A 174 -16.69 5.51 -20.28
N THR A 175 -17.28 6.55 -20.86
CA THR A 175 -17.35 7.86 -20.21
C THR A 175 -18.74 8.17 -19.67
N LYS A 176 -19.61 7.16 -19.62
CA LYS A 176 -20.97 7.33 -19.12
C LYS A 176 -20.96 6.94 -17.65
N ALA A 177 -21.16 7.94 -16.79
CA ALA A 177 -21.13 7.67 -15.36
C ALA A 177 -22.10 6.57 -14.96
N ASP A 178 -23.28 6.52 -15.59
CA ASP A 178 -24.28 5.53 -15.22
C ASP A 178 -23.81 4.10 -15.45
N ASP A 179 -22.88 3.88 -16.40
CA ASP A 179 -22.34 2.55 -16.59
C ASP A 179 -21.61 2.06 -15.34
N TYR A 180 -20.93 2.97 -14.65
CA TYR A 180 -20.17 2.60 -13.45
C TYR A 180 -21.10 2.45 -12.25
N THR A 181 -21.97 3.43 -12.03
CA THR A 181 -22.82 3.42 -10.86
C THR A 181 -23.94 2.40 -10.98
N GLY A 182 -24.32 2.04 -12.21
CA GLY A 182 -25.42 1.14 -12.42
C GLY A 182 -24.93 -0.27 -12.70
N PRO A 183 -24.89 -0.66 -13.98
CA PRO A 183 -24.62 -2.08 -14.28
C PRO A 183 -23.30 -2.61 -13.74
N ALA A 184 -22.21 -1.85 -13.84
CA ALA A 184 -20.93 -2.39 -13.38
C ALA A 184 -20.96 -2.62 -11.88
N THR A 185 -21.48 -1.66 -11.12
CA THR A 185 -21.56 -1.82 -9.67
C THR A 185 -22.54 -2.93 -9.31
N ASP A 186 -23.69 -2.98 -9.96
CA ASP A 186 -24.67 -4.03 -9.69
C ASP A 186 -24.02 -5.41 -9.82
N LEU A 187 -23.30 -5.64 -10.91
CA LEU A 187 -22.69 -6.96 -11.12
C LEU A 187 -21.60 -7.21 -10.08
N LEU A 188 -20.75 -6.22 -9.83
CA LEU A 188 -19.66 -6.44 -8.88
C LEU A 188 -20.20 -6.71 -7.47
N LEU A 189 -21.31 -6.05 -7.08
CA LEU A 189 -21.84 -6.31 -5.76
C LEU A 189 -22.47 -7.69 -5.67
N LYS A 190 -22.98 -8.22 -6.79
CA LYS A 190 -23.47 -9.60 -6.78
C LYS A 190 -22.32 -10.61 -6.67
N LEU A 191 -21.18 -10.31 -7.25
CA LEU A 191 -20.04 -11.21 -7.14
C LEU A 191 -19.33 -11.12 -5.80
N ARG A 192 -19.37 -9.96 -5.15
CA ARG A 192 -18.55 -9.70 -3.97
C ARG A 192 -18.64 -10.77 -2.88
N PRO A 193 -19.81 -11.28 -2.50
CA PRO A 193 -19.84 -12.25 -1.40
C PRO A 193 -19.01 -13.49 -1.64
N ASN A 194 -18.71 -13.78 -2.90
CA ASN A 194 -18.01 -14.99 -3.33
C ASN A 194 -16.54 -14.77 -3.57
N ILE A 195 -16.07 -13.53 -3.41
CA ILE A 195 -14.67 -13.16 -3.63
C ILE A 195 -13.97 -13.23 -2.29
N ARG A 196 -12.93 -14.05 -2.18
CA ARG A 196 -12.26 -14.19 -0.88
C ARG A 196 -11.45 -12.96 -0.55
N TYR A 197 -10.70 -12.40 -1.52
CA TYR A 197 -9.91 -11.21 -1.27
C TYR A 197 -9.61 -10.49 -2.58
N PHE A 198 -9.34 -9.20 -2.46
CA PHE A 198 -8.80 -8.36 -3.53
C PHE A 198 -7.32 -8.18 -3.23
N HIS A 199 -6.46 -8.70 -4.09
CA HIS A 199 -5.03 -8.54 -3.88
C HIS A 199 -4.33 -8.84 -5.20
N SER A 200 -3.22 -8.14 -5.45
CA SER A 200 -2.54 -8.22 -6.71
C SER A 200 -1.20 -8.96 -6.67
N SER A 201 -0.89 -9.64 -5.56
CA SER A 201 0.29 -10.50 -5.59
C SER A 201 0.15 -11.78 -4.77
N GLN A 202 -0.71 -11.77 -3.74
CA GLN A 202 -0.86 -12.98 -2.94
C GLN A 202 -1.41 -14.13 -3.76
N TYR A 203 -2.12 -13.83 -4.85
CA TYR A 203 -2.76 -14.88 -5.63
C TYR A 203 -1.78 -15.80 -6.34
N ILE A 204 -0.52 -15.38 -6.54
CA ILE A 204 0.46 -16.22 -7.21
C ILE A 204 0.72 -17.46 -6.39
N ASN A 205 1.20 -17.28 -5.15
CA ASN A 205 1.48 -18.45 -4.34
C ASN A 205 0.21 -19.19 -3.95
N ASP A 206 -0.91 -18.47 -3.80
CA ASP A 206 -2.16 -19.15 -3.44
C ASP A 206 -2.62 -20.07 -4.57
N LEU A 207 -2.50 -19.63 -5.83
CA LEU A 207 -2.77 -20.56 -6.94
C LEU A 207 -1.79 -21.72 -6.94
N ALA A 208 -0.49 -21.40 -6.76
CA ALA A 208 0.53 -22.45 -6.83
C ALA A 208 0.33 -23.53 -5.77
N ASN A 209 -0.09 -23.14 -4.58
CA ASN A 209 -0.20 -24.06 -3.46
C ASN A 209 -1.57 -24.69 -3.33
N GLY A 210 -2.52 -24.32 -4.18
CA GLY A 210 -3.86 -24.86 -4.11
C GLY A 210 -4.79 -24.18 -3.15
N ASP A 211 -4.44 -23.00 -2.65
CA ASP A 211 -5.25 -22.33 -1.65
C ASP A 211 -6.40 -21.53 -2.27
N ILE A 212 -6.27 -21.10 -3.52
CA ILE A 212 -7.39 -20.57 -4.29
C ILE A 212 -7.44 -21.33 -5.60
N CYS A 213 -8.63 -21.38 -6.21
CA CYS A 213 -8.76 -22.08 -7.48
C CYS A 213 -8.99 -21.19 -8.68
N VAL A 214 -9.29 -19.90 -8.49
CA VAL A 214 -9.48 -18.99 -9.61
C VAL A 214 -9.12 -17.58 -9.19
N ALA A 215 -8.58 -16.81 -10.14
CA ALA A 215 -8.15 -15.45 -9.88
C ALA A 215 -8.24 -14.61 -11.14
N ILE A 216 -8.63 -13.36 -11.00
CA ILE A 216 -8.22 -12.38 -12.02
C ILE A 216 -6.74 -12.11 -11.78
N GLY A 217 -5.94 -12.28 -12.81
CA GLY A 217 -4.51 -12.20 -12.65
C GLY A 217 -3.82 -11.73 -13.91
N TRP A 218 -2.59 -11.29 -13.72
CA TRP A 218 -1.72 -10.90 -14.81
C TRP A 218 -1.03 -12.14 -15.37
N ALA A 219 -0.95 -12.23 -16.69
CA ALA A 219 -0.62 -13.49 -17.34
C ALA A 219 0.66 -14.14 -16.78
N GLY A 220 1.76 -13.40 -16.81
CA GLY A 220 3.02 -14.00 -16.36
C GLY A 220 3.02 -14.39 -14.89
N ASP A 221 2.29 -13.65 -14.05
CA ASP A 221 2.12 -14.04 -12.66
C ASP A 221 1.52 -15.45 -12.57
N VAL A 222 0.49 -15.71 -13.38
CA VAL A 222 -0.16 -17.01 -13.33
C VAL A 222 0.75 -18.09 -13.89
N TRP A 223 1.48 -17.78 -14.97
CA TRP A 223 2.43 -18.76 -15.47
C TRP A 223 3.55 -19.00 -14.46
N GLN A 224 3.92 -17.98 -13.67
CA GLN A 224 4.86 -18.25 -12.58
C GLN A 224 4.25 -19.20 -11.55
N ALA A 225 3.00 -18.95 -11.18
CA ALA A 225 2.33 -19.87 -10.26
C ALA A 225 2.36 -21.29 -10.80
N SER A 226 2.04 -21.44 -12.09
CA SER A 226 2.04 -22.77 -12.69
C SER A 226 3.41 -23.42 -12.59
N ASN A 227 4.46 -22.63 -12.84
CA ASN A 227 5.80 -23.20 -12.79
C ASN A 227 6.22 -23.53 -11.36
N ARG A 228 5.85 -22.69 -10.39
CA ARG A 228 6.16 -22.98 -8.99
C ARG A 228 5.47 -24.26 -8.53
N ALA A 229 4.23 -24.47 -8.97
CA ALA A 229 3.52 -25.71 -8.67
C ALA A 229 4.23 -26.91 -9.29
N LYS A 230 4.63 -26.80 -10.57
CA LYS A 230 5.39 -27.89 -11.19
C LYS A 230 6.67 -28.19 -10.42
N GLU A 231 7.41 -27.16 -10.03
CA GLU A 231 8.69 -27.43 -9.37
C GLU A 231 8.48 -27.99 -7.97
N ALA A 232 7.36 -27.65 -7.34
CA ALA A 232 7.04 -28.23 -6.03
C ALA A 232 6.61 -29.69 -6.14
N LYS A 233 6.25 -30.15 -7.34
CA LYS A 233 5.77 -31.52 -7.52
C LYS A 233 4.61 -31.82 -6.58
N ASN A 234 3.73 -30.84 -6.42
CA ASN A 234 2.59 -30.93 -5.51
C ASN A 234 1.31 -31.38 -6.19
N GLY A 235 1.35 -31.69 -7.48
CA GLY A 235 0.17 -32.07 -8.22
C GLY A 235 -0.75 -30.94 -8.61
N VAL A 236 -0.40 -29.68 -8.33
CA VAL A 236 -1.27 -28.56 -8.67
C VAL A 236 -1.05 -28.17 -10.12
N ASN A 237 -2.14 -28.05 -10.88
CA ASN A 237 -2.09 -27.75 -12.30
C ASN A 237 -2.78 -26.40 -12.48
N VAL A 238 -2.00 -25.36 -12.76
CA VAL A 238 -2.51 -23.99 -12.92
C VAL A 238 -2.37 -23.62 -14.38
N SER A 239 -3.39 -22.97 -14.94
CA SER A 239 -3.33 -22.44 -16.28
C SER A 239 -3.88 -21.02 -16.29
N PHE A 240 -3.81 -20.39 -17.45
CA PHE A 240 -4.22 -19.00 -17.63
C PHE A 240 -4.99 -18.90 -18.94
N SER A 241 -6.02 -18.05 -18.96
CA SER A 241 -6.84 -17.84 -20.13
C SER A 241 -6.97 -16.36 -20.44
N ILE A 242 -6.74 -16.02 -21.71
CA ILE A 242 -7.15 -14.72 -22.28
C ILE A 242 -8.55 -14.96 -22.81
N PRO A 243 -9.62 -14.49 -22.14
CA PRO A 243 -10.96 -14.95 -22.51
C PRO A 243 -11.42 -14.48 -23.88
N LYS A 244 -12.44 -15.20 -24.39
CA LYS A 244 -12.94 -14.98 -25.75
C LYS A 244 -13.59 -13.62 -25.95
N GLU A 245 -14.08 -12.98 -24.88
CA GLU A 245 -14.68 -11.66 -25.03
C GLU A 245 -13.63 -10.56 -25.16
N GLY A 246 -12.36 -10.90 -25.08
CA GLY A 246 -11.29 -9.92 -25.03
C GLY A 246 -10.78 -9.72 -23.62
N ALA A 247 -9.68 -8.99 -23.53
CA ALA A 247 -9.05 -8.70 -22.23
C ALA A 247 -8.18 -7.47 -22.38
N MET A 248 -7.87 -6.87 -21.24
CA MET A 248 -7.00 -5.71 -21.22
C MET A 248 -5.55 -6.11 -21.41
N ALA A 249 -4.86 -5.39 -22.28
CA ALA A 249 -3.41 -5.46 -22.40
C ALA A 249 -2.79 -4.28 -21.65
N PHE A 250 -1.59 -4.50 -21.11
CA PHE A 250 -0.82 -3.45 -20.46
C PHE A 250 0.63 -3.56 -20.92
N PHE A 251 1.33 -2.43 -20.86
CA PHE A 251 2.73 -2.35 -21.25
C PHE A 251 3.45 -1.67 -20.08
N ASP A 252 4.28 -2.42 -19.36
CA ASP A 252 5.02 -1.83 -18.26
C ASP A 252 6.34 -1.25 -18.78
N VAL A 253 6.65 -0.05 -18.33
CA VAL A 253 7.74 0.73 -18.90
C VAL A 253 8.60 1.28 -17.77
N PHE A 254 9.91 1.32 -18.00
CA PHE A 254 10.84 2.01 -17.14
C PHE A 254 10.79 3.50 -17.44
N ALA A 255 10.80 4.29 -16.39
CA ALA A 255 10.80 5.74 -16.51
C ALA A 255 11.69 6.32 -15.42
N MET A 256 12.16 7.54 -15.64
CA MET A 256 13.15 8.16 -14.77
C MET A 256 12.56 9.36 -14.04
N PRO A 257 12.38 9.30 -12.72
CA PRO A 257 11.86 10.46 -11.99
C PRO A 257 12.66 11.72 -12.28
N ALA A 258 11.94 12.86 -12.35
CA ALA A 258 12.59 14.12 -12.69
C ALA A 258 13.68 14.50 -11.71
N ASP A 259 13.57 14.06 -10.45
CA ASP A 259 14.57 14.38 -9.45
C ASP A 259 15.54 13.23 -9.15
N ALA A 260 15.66 12.27 -10.08
CA ALA A 260 16.61 11.17 -9.91
C ALA A 260 18.01 11.66 -9.57
N LYS A 261 18.62 11.01 -8.58
CA LYS A 261 19.95 11.44 -8.12
C LYS A 261 21.07 10.89 -9.01
N ASN A 262 20.94 9.65 -9.47
CA ASN A 262 22.04 8.91 -10.13
C ASN A 262 21.63 8.63 -11.57
N LYS A 263 21.62 9.67 -12.39
CA LYS A 263 21.11 9.53 -13.75
C LYS A 263 22.03 8.69 -14.61
N ASP A 264 23.35 8.91 -14.52
CA ASP A 264 24.28 8.14 -15.32
C ASP A 264 24.13 6.65 -15.05
N GLU A 265 24.00 6.29 -13.77
CA GLU A 265 23.85 4.88 -13.41
C GLU A 265 22.52 4.32 -13.90
N ALA A 266 21.46 5.13 -13.84
CA ALA A 266 20.16 4.69 -14.35
C ALA A 266 20.25 4.38 -15.82
N TYR A 267 20.96 5.22 -16.60
CA TYR A 267 21.11 4.93 -18.01
C TYR A 267 21.92 3.66 -18.22
N GLN A 268 22.93 3.42 -17.38
CA GLN A 268 23.65 2.15 -17.47
C GLN A 268 22.73 0.97 -17.28
N PHE A 269 21.80 1.08 -16.33
CA PHE A 269 20.90 -0.03 -16.08
C PHE A 269 19.91 -0.21 -17.23
N LEU A 270 19.38 0.90 -17.78
CA LEU A 270 18.48 0.78 -18.92
C LEU A 270 19.18 0.15 -20.14
N ASN A 271 20.40 0.58 -20.44
CA ASN A 271 21.13 -0.03 -21.55
C ASN A 271 21.44 -1.50 -21.28
N TYR A 272 21.66 -1.85 -20.01
CA TYR A 272 21.81 -3.26 -19.65
C TYR A 272 20.56 -4.05 -19.98
N LEU A 273 19.37 -3.51 -19.62
CA LEU A 273 18.11 -4.20 -19.92
C LEU A 273 17.82 -4.25 -21.41
N LEU A 274 18.40 -3.33 -22.22
CA LEU A 274 18.21 -3.39 -23.67
C LEU A 274 19.06 -4.47 -24.32
N ARG A 275 19.98 -5.07 -23.60
CA ARG A 275 20.77 -6.17 -24.16
CA ARG A 275 20.76 -6.17 -24.16
C ARG A 275 19.86 -7.38 -24.38
N PRO A 276 19.84 -7.95 -25.59
CA PRO A 276 18.85 -9.02 -25.84
C PRO A 276 19.00 -10.21 -24.92
N ASP A 277 20.23 -10.61 -24.59
CA ASP A 277 20.40 -11.76 -23.70
C ASP A 277 19.95 -11.47 -22.28
N VAL A 278 20.11 -10.24 -21.80
CA VAL A 278 19.72 -9.93 -20.42
C VAL A 278 18.21 -10.01 -20.28
N VAL A 279 17.48 -9.42 -21.23
CA VAL A 279 16.04 -9.34 -21.07
C VAL A 279 15.36 -10.65 -21.44
N ALA A 280 15.94 -11.41 -22.39
CA ALA A 280 15.42 -12.75 -22.64
C ALA A 280 15.52 -13.61 -21.40
N HIS A 281 16.64 -13.49 -20.69
CA HIS A 281 16.82 -14.23 -19.44
C HIS A 281 15.77 -13.83 -18.41
N ILE A 282 15.39 -12.55 -18.36
CA ILE A 282 14.32 -12.15 -17.46
C ILE A 282 13.02 -12.86 -17.85
N SER A 283 12.66 -12.78 -19.13
CA SER A 283 11.41 -13.42 -19.59
C SER A 283 11.41 -14.89 -19.25
N ASP A 284 12.57 -15.55 -19.37
CA ASP A 284 12.65 -16.98 -19.07
C ASP A 284 12.21 -17.28 -17.64
N HIS A 285 12.45 -16.37 -16.73
CA HIS A 285 12.15 -16.58 -15.31
C HIS A 285 10.82 -16.04 -14.86
N VAL A 286 10.33 -14.94 -15.46
CA VAL A 286 9.07 -14.33 -15.04
C VAL A 286 7.90 -14.65 -15.96
N PHE A 287 8.14 -15.30 -17.10
CA PHE A 287 7.07 -15.77 -18.00
C PHE A 287 6.26 -14.61 -18.54
N TYR A 288 6.94 -13.50 -18.80
CA TYR A 288 6.35 -12.35 -19.48
C TYR A 288 7.06 -12.10 -20.79
N ALA A 289 6.30 -11.70 -21.82
CA ALA A 289 6.89 -11.23 -23.06
C ALA A 289 7.61 -9.91 -22.82
N ASN A 290 8.86 -9.84 -23.28
CA ASN A 290 9.54 -8.56 -23.22
C ASN A 290 9.23 -7.78 -24.49
N ALA A 291 9.69 -6.55 -24.54
CA ALA A 291 9.43 -5.65 -25.65
C ALA A 291 10.60 -5.54 -26.61
N ASN A 292 11.52 -6.48 -26.55
CA ASN A 292 12.79 -6.41 -27.25
C ASN A 292 12.74 -7.43 -28.40
N LYS A 293 12.64 -6.93 -29.62
CA LYS A 293 12.48 -7.82 -30.78
C LYS A 293 13.74 -8.66 -31.02
N ALA A 294 14.92 -8.09 -30.78
CA ALA A 294 16.15 -8.86 -30.94
C ALA A 294 16.24 -9.99 -29.94
N ALA A 295 15.55 -9.86 -28.80
CA ALA A 295 15.65 -10.86 -27.76
C ALA A 295 14.77 -12.07 -28.00
N THR A 296 13.73 -11.93 -28.83
CA THR A 296 12.71 -12.98 -28.91
C THR A 296 13.28 -14.36 -29.20
N PRO A 297 14.18 -14.54 -30.17
CA PRO A 297 14.71 -15.89 -30.45
C PRO A 297 15.55 -16.44 -29.32
N LEU A 298 16.04 -15.60 -28.41
CA LEU A 298 16.83 -16.06 -27.28
C LEU A 298 15.94 -16.53 -26.14
N VAL A 299 14.66 -16.18 -26.17
CA VAL A 299 13.74 -16.56 -25.11
C VAL A 299 13.52 -18.07 -25.19
N SER A 300 13.36 -18.71 -24.03
CA SER A 300 13.13 -20.16 -24.01
C SER A 300 11.90 -20.50 -24.84
N ALA A 301 11.93 -21.69 -25.46
CA ALA A 301 10.76 -22.13 -26.22
C ALA A 301 9.53 -22.18 -25.32
N GLU A 302 9.71 -22.62 -24.07
CA GLU A 302 8.61 -22.71 -23.10
C GLU A 302 7.84 -21.42 -23.01
N VAL A 303 8.53 -20.29 -22.95
CA VAL A 303 7.92 -18.98 -22.80
C VAL A 303 7.53 -18.42 -24.16
N ARG A 304 8.45 -18.47 -25.13
CA ARG A 304 8.22 -17.83 -26.41
C ARG A 304 7.03 -18.45 -27.15
N GLU A 305 6.84 -19.76 -27.02
CA GLU A 305 5.81 -20.46 -27.77
C GLU A 305 4.48 -20.58 -27.01
N ASN A 306 4.35 -19.94 -25.83
CA ASN A 306 3.12 -19.99 -25.08
C ASN A 306 2.16 -18.92 -25.59
N PRO A 307 1.01 -19.28 -26.19
CA PRO A 307 0.13 -18.26 -26.76
C PRO A 307 -0.57 -17.42 -25.71
N GLY A 308 -0.41 -17.76 -24.43
CA GLY A 308 -0.84 -16.91 -23.34
C GLY A 308 0.19 -15.95 -22.84
N ILE A 309 1.38 -15.94 -23.48
CA ILE A 309 2.46 -14.99 -23.18
C ILE A 309 2.77 -14.14 -24.40
N TYR A 310 3.02 -14.78 -25.54
CA TYR A 310 3.19 -14.16 -26.85
C TYR A 310 2.00 -14.58 -27.72
N PRO A 311 0.86 -13.91 -27.58
CA PRO A 311 -0.36 -14.35 -28.28
C PRO A 311 -0.31 -14.03 -29.75
N PRO A 312 -1.03 -14.78 -30.57
CA PRO A 312 -1.04 -14.53 -32.02
C PRO A 312 -1.90 -13.34 -32.39
N ALA A 313 -1.84 -12.98 -33.66
CA ALA A 313 -2.46 -11.73 -34.12
C ALA A 313 -3.96 -11.69 -33.87
N ASP A 314 -4.66 -12.81 -34.11
CA ASP A 314 -6.10 -12.82 -33.93
C ASP A 314 -6.51 -12.65 -32.47
N VAL A 315 -5.67 -13.08 -31.53
CA VAL A 315 -5.95 -12.82 -30.12
C VAL A 315 -5.58 -11.37 -29.76
N ARG A 316 -4.43 -10.90 -30.25
CA ARG A 316 -4.05 -9.51 -29.96
C ARG A 316 -5.11 -8.54 -30.46
N ALA A 317 -5.83 -8.91 -31.51
CA ALA A 317 -6.85 -8.02 -32.06
C ALA A 317 -8.02 -7.82 -31.12
N LYS A 318 -8.22 -8.72 -30.16
CA LYS A 318 -9.30 -8.68 -29.20
C LYS A 318 -8.90 -7.96 -27.91
N LEU A 319 -7.67 -7.47 -27.81
CA LEU A 319 -7.21 -6.82 -26.59
C LEU A 319 -7.53 -5.33 -26.62
N PHE A 320 -7.85 -4.78 -25.47
CA PHE A 320 -8.09 -3.36 -25.31
C PHE A 320 -7.12 -2.77 -24.31
N THR A 321 -6.96 -1.44 -24.36
CA THR A 321 -6.10 -0.72 -23.43
C THR A 321 -6.86 0.40 -22.74
N LEU A 322 -6.37 0.77 -21.56
CA LEU A 322 -6.97 1.84 -20.77
C LEU A 322 -6.70 3.22 -21.36
N LYS A 323 -7.70 4.10 -21.21
CA LYS A 323 -7.66 5.51 -21.53
C LYS A 323 -7.76 6.37 -20.28
N VAL A 324 -7.27 7.60 -20.40
CA VAL A 324 -7.42 8.61 -19.36
C VAL A 324 -8.88 9.02 -19.25
N GLN A 325 -9.35 9.17 -18.02
CA GLN A 325 -10.71 9.60 -17.72
C GLN A 325 -10.73 11.01 -17.16
N ASP A 326 -11.92 11.62 -17.16
CA ASP A 326 -12.08 12.93 -16.55
C ASP A 326 -12.38 12.84 -15.05
N PRO A 327 -12.47 13.96 -14.36
CA PRO A 327 -12.65 13.88 -12.88
C PRO A 327 -13.96 13.21 -12.48
N LYS A 328 -15.03 13.45 -13.21
CA LYS A 328 -16.31 12.83 -12.87
C LYS A 328 -16.20 11.30 -12.90
N ILE A 329 -15.61 10.74 -13.96
CA ILE A 329 -15.55 9.28 -14.06
C ILE A 329 -14.57 8.74 -13.03
N ASP A 330 -13.47 9.47 -12.79
CA ASP A 330 -12.57 9.06 -11.71
C ASP A 330 -13.32 8.99 -10.38
N ARG A 331 -14.17 9.97 -10.09
CA ARG A 331 -14.93 9.97 -8.85
C ARG A 331 -15.87 8.78 -8.77
N VAL A 332 -16.69 8.57 -9.80
CA VAL A 332 -17.71 7.53 -9.71
C VAL A 332 -17.05 6.15 -9.74
N ARG A 333 -15.99 5.97 -10.53
CA ARG A 333 -15.29 4.70 -10.55
C ARG A 333 -14.68 4.40 -9.19
N THR A 334 -14.02 5.39 -8.58
CA THR A 334 -13.37 5.16 -7.29
C THR A 334 -14.38 4.93 -6.19
N ARG A 335 -15.46 5.69 -6.18
CA ARG A 335 -16.51 5.47 -5.18
C ARG A 335 -17.10 4.08 -5.34
N ALA A 336 -17.33 3.64 -6.58
CA ALA A 336 -17.89 2.31 -6.79
C ALA A 336 -16.91 1.23 -6.34
N TRP A 337 -15.62 1.39 -6.65
CA TRP A 337 -14.61 0.45 -6.20
C TRP A 337 -14.61 0.29 -4.70
N THR A 338 -14.73 1.40 -3.95
CA THR A 338 -14.75 1.32 -2.51
C THR A 338 -15.95 0.51 -2.01
N LYS A 339 -17.11 0.69 -2.65
CA LYS A 339 -18.28 -0.11 -2.29
C LYS A 339 -18.03 -1.60 -2.49
N VAL A 340 -17.38 -1.94 -3.59
CA VAL A 340 -17.17 -3.34 -3.97
C VAL A 340 -16.20 -4.02 -3.00
N LYS A 341 -15.09 -3.36 -2.68
CA LYS A 341 -14.11 -4.01 -1.81
C LYS A 341 -14.60 -4.19 -0.38
N SER A 342 -15.66 -3.48 0.02
CA SER A 342 -16.23 -3.62 1.35
CA SER A 342 -16.23 -3.62 1.35
C SER A 342 -17.61 -4.28 1.32
N GLY A 343 -17.92 -5.03 0.28
CA GLY A 343 -19.22 -5.68 0.16
C GLY A 343 -19.26 -7.02 0.86
N GLN B 3 -31.99 6.26 -0.15
CA GLN B 3 -31.01 5.65 0.76
C GLN B 3 -29.65 6.28 0.55
N LYS B 4 -29.23 7.16 1.45
CA LYS B 4 -27.93 7.79 1.29
C LYS B 4 -26.85 6.95 1.97
N THR B 5 -25.65 7.08 1.48
CA THR B 5 -24.52 6.30 1.96
C THR B 5 -23.43 7.25 2.46
N LEU B 6 -22.49 6.67 3.20
CA LEU B 6 -21.37 7.41 3.76
C LEU B 6 -20.17 6.50 3.63
N HIS B 7 -19.12 7.00 3.00
CA HIS B 7 -17.88 6.24 2.82
C HIS B 7 -16.81 6.77 3.76
N ILE B 8 -16.27 5.89 4.62
CA ILE B 8 -15.31 6.25 5.65
C ILE B 8 -14.04 5.41 5.46
N TYR B 9 -12.88 6.07 5.48
CA TYR B 9 -11.57 5.41 5.37
C TYR B 9 -10.80 5.75 6.64
N ASN B 10 -10.57 4.77 7.48
CA ASN B 10 -9.96 4.97 8.80
C ASN B 10 -8.81 3.97 8.94
N TRP B 11 -7.95 4.22 9.92
CA TRP B 11 -6.97 3.21 10.29
C TRP B 11 -7.67 1.91 10.66
N SER B 12 -7.02 0.79 10.40
CA SER B 12 -7.48 -0.47 10.95
C SER B 12 -7.42 -0.45 12.47
N ASP B 13 -8.26 -1.28 13.09
CA ASP B 13 -8.24 -1.46 14.55
C ASP B 13 -8.34 -0.13 15.27
N TYR B 14 -9.33 0.70 14.86
CA TYR B 14 -9.44 2.06 15.35
C TYR B 14 -10.89 2.52 15.52
N ILE B 15 -11.78 1.58 15.78
CA ILE B 15 -13.19 1.89 16.03
C ILE B 15 -13.74 0.75 16.86
N ALA B 16 -14.84 1.00 17.59
CA ALA B 16 -15.46 -0.07 18.34
C ALA B 16 -16.27 -0.97 17.42
N PRO B 17 -16.52 -2.22 17.83
CA PRO B 17 -17.17 -3.15 16.92
C PRO B 17 -18.58 -2.77 16.53
N ASP B 18 -19.26 -1.95 17.35
CA ASP B 18 -20.65 -1.61 17.08
C ASP B 18 -20.86 -0.14 16.72
N THR B 19 -19.79 0.66 16.62
CA THR B 19 -19.95 2.09 16.37
C THR B 19 -20.74 2.33 15.10
N VAL B 20 -20.30 1.73 13.98
CA VAL B 20 -20.94 1.99 12.70
C VAL B 20 -22.36 1.46 12.68
N ALA B 21 -22.56 0.25 13.19
CA ALA B 21 -23.90 -0.33 13.20
C ALA B 21 -24.83 0.54 14.03
N ASN B 22 -24.34 1.06 15.14
CA ASN B 22 -25.19 1.92 15.99
C ASN B 22 -25.55 3.20 15.25
N PHE B 23 -24.59 3.78 14.54
CA PHE B 23 -24.85 4.99 13.75
C PHE B 23 -25.85 4.70 12.63
N GLU B 24 -25.66 3.59 11.94
CA GLU B 24 -26.63 3.21 10.90
C GLU B 24 -28.03 3.09 11.45
N LYS B 25 -28.19 2.47 12.62
CA LYS B 25 -29.53 2.22 13.15
C LYS B 25 -30.21 3.53 13.54
N GLU B 26 -29.45 4.48 14.08
CA GLU B 26 -30.03 5.76 14.52
C GLU B 26 -30.40 6.64 13.34
N THR B 27 -29.62 6.59 12.25
CA THR B 27 -29.71 7.57 11.19
C THR B 27 -30.31 7.04 9.89
N GLY B 28 -30.36 5.72 9.72
CA GLY B 28 -30.77 5.16 8.43
C GLY B 28 -29.76 5.32 7.32
N ILE B 29 -28.54 5.77 7.63
CA ILE B 29 -27.47 5.91 6.65
C ILE B 29 -26.74 4.57 6.54
N LYS B 30 -26.45 4.14 5.31
CA LYS B 30 -25.61 2.97 5.09
C LYS B 30 -24.15 3.42 5.05
N VAL B 31 -23.31 2.76 5.84
CA VAL B 31 -21.90 3.13 5.92
C VAL B 31 -21.06 2.12 5.18
N VAL B 32 -20.22 2.63 4.29
CA VAL B 32 -19.17 1.83 3.64
C VAL B 32 -17.88 2.17 4.36
N TYR B 33 -17.28 1.17 5.01
CA TYR B 33 -16.13 1.37 5.89
C TYR B 33 -14.95 0.55 5.38
N ASP B 34 -13.81 1.22 5.16
CA ASP B 34 -12.59 0.53 4.73
C ASP B 34 -11.42 1.08 5.54
N VAL B 35 -10.30 0.36 5.53
CA VAL B 35 -9.23 0.66 6.48
C VAL B 35 -7.85 0.62 5.80
N PHE B 36 -6.91 1.32 6.44
CA PHE B 36 -5.53 1.43 5.99
C PHE B 36 -4.61 1.36 7.21
N ASP B 37 -3.29 1.18 6.96
CA ASP B 37 -2.33 1.24 8.06
C ASP B 37 -1.13 2.12 7.74
N SER B 38 -1.25 3.01 6.77
CA SER B 38 -0.12 3.79 6.29
C SER B 38 -0.56 5.22 5.98
N ASN B 39 0.09 6.22 6.61
CA ASN B 39 -0.13 7.60 6.20
C ASN B 39 0.29 7.85 4.77
N GLU B 40 1.33 7.15 4.30
CA GLU B 40 1.80 7.36 2.94
C GLU B 40 0.78 6.87 1.92
N VAL B 41 0.13 5.73 2.21
CA VAL B 41 -0.91 5.23 1.31
C VAL B 41 -2.03 6.23 1.19
N LEU B 42 -2.47 6.77 2.34
CA LEU B 42 -3.55 7.75 2.33
C LEU B 42 -3.12 9.02 1.60
N GLU B 43 -1.92 9.51 1.89
CA GLU B 43 -1.45 10.73 1.24
C GLU B 43 -1.41 10.54 -0.26
N GLY B 44 -0.88 9.40 -0.72
CA GLY B 44 -0.81 9.14 -2.16
C GLY B 44 -2.19 9.17 -2.81
N LYS B 45 -3.17 8.53 -2.17
CA LYS B 45 -4.52 8.52 -2.73
C LYS B 45 -5.08 9.92 -2.81
N LEU B 46 -4.84 10.73 -1.78
CA LEU B 46 -5.38 12.09 -1.81
C LEU B 46 -4.74 12.93 -2.90
N MET B 47 -3.47 12.67 -3.21
CA MET B 47 -2.76 13.48 -4.20
C MET B 47 -2.91 12.99 -5.62
N ALA B 48 -3.36 11.75 -5.82
CA ALA B 48 -3.42 11.12 -7.13
C ALA B 48 -4.76 11.22 -7.81
N GLY B 49 -5.82 11.58 -7.11
CA GLY B 49 -7.13 11.63 -7.71
C GLY B 49 -8.18 11.63 -6.61
N SER B 50 -9.41 11.28 -7.00
CA SER B 50 -10.45 11.15 -5.99
C SER B 50 -10.19 9.94 -5.13
N THR B 51 -10.44 10.10 -3.81
CA THR B 51 -10.36 8.96 -2.90
C THR B 51 -11.64 8.13 -2.88
N GLY B 52 -12.77 8.69 -3.31
CA GLY B 52 -14.04 8.02 -3.20
C GLY B 52 -14.59 7.98 -1.79
N PHE B 53 -13.97 8.68 -0.84
CA PHE B 53 -14.43 8.69 0.54
C PHE B 53 -14.99 10.04 0.93
N ASP B 54 -15.93 10.01 1.90
CA ASP B 54 -16.50 11.21 2.47
C ASP B 54 -15.74 11.67 3.70
N LEU B 55 -15.04 10.76 4.36
CA LEU B 55 -14.22 11.04 5.53
C LEU B 55 -12.98 10.17 5.47
N VAL B 56 -11.83 10.77 5.80
CA VAL B 56 -10.55 10.06 5.89
C VAL B 56 -9.87 10.53 7.17
N VAL B 57 -8.87 9.76 7.62
CA VAL B 57 -8.33 9.99 8.96
C VAL B 57 -6.80 10.04 8.93
N PRO B 58 -6.18 11.10 8.40
CA PRO B 58 -4.72 11.20 8.41
C PRO B 58 -4.19 11.61 9.78
N SER B 59 -2.92 11.33 10.00
CA SER B 59 -2.20 12.00 11.08
C SER B 59 -2.06 13.49 10.77
N ALA B 60 -2.04 14.31 11.81
CA ALA B 60 -2.12 15.77 11.59
C ALA B 60 -0.92 16.29 10.82
N SER B 61 0.27 15.73 11.06
CA SER B 61 1.45 16.22 10.36
C SER B 61 1.35 15.94 8.87
N PHE B 62 0.69 14.83 8.49
CA PHE B 62 0.44 14.56 7.09
C PHE B 62 -0.64 15.47 6.55
N LEU B 63 -1.65 15.73 7.35
CA LEU B 63 -2.71 16.65 6.89
C LEU B 63 -2.15 18.02 6.53
N GLU B 64 -1.10 18.48 7.24
CA GLU B 64 -0.48 19.76 6.87
C GLU B 64 -0.05 19.79 5.40
N ARG B 65 0.62 18.73 4.92
CA ARG B 65 1.01 18.74 3.51
C ARG B 65 -0.19 18.57 2.59
N GLN B 66 -1.19 17.81 3.02
CA GLN B 66 -2.40 17.62 2.22
C GLN B 66 -3.13 18.95 2.04
N LEU B 67 -3.11 19.81 3.07
CA LEU B 67 -3.71 21.13 2.93
C LEU B 67 -3.05 21.98 1.85
N THR B 68 -1.73 21.87 1.70
CA THR B 68 -1.08 22.69 0.67
C THR B 68 -1.56 22.30 -0.71
N ALA B 69 -2.13 21.10 -0.85
CA ALA B 69 -2.70 20.66 -2.11
C ALA B 69 -4.18 20.97 -2.24
N GLY B 70 -4.81 21.47 -1.17
CA GLY B 70 -6.22 21.81 -1.28
C GLY B 70 -7.18 20.64 -1.35
N VAL B 71 -6.83 19.47 -0.76
CA VAL B 71 -7.65 18.28 -0.94
C VAL B 71 -8.82 18.15 0.02
N PHE B 72 -8.94 19.04 1.01
CA PHE B 72 -9.97 18.93 2.02
C PHE B 72 -10.90 20.12 1.98
N GLN B 73 -12.15 19.87 2.38
CA GLN B 73 -13.12 20.93 2.53
C GLN B 73 -12.99 21.54 3.91
N PRO B 74 -12.99 22.88 4.04
CA PRO B 74 -12.98 23.47 5.38
C PRO B 74 -14.28 23.14 6.07
N LEU B 75 -14.19 22.82 7.37
CA LEU B 75 -15.34 22.34 8.10
C LEU B 75 -16.27 23.49 8.43
N ASP B 76 -17.57 23.30 8.15
CA ASP B 76 -18.62 24.23 8.55
C ASP B 76 -18.92 24.01 10.04
N LYS B 77 -18.32 24.85 10.90
CA LYS B 77 -18.42 24.66 12.34
C LYS B 77 -19.86 24.84 12.84
N SER B 78 -20.68 25.57 12.10
CA SER B 78 -22.10 25.67 12.44
C SER B 78 -22.78 24.31 12.39
N LYS B 79 -22.19 23.35 11.68
CA LYS B 79 -22.72 22.00 11.57
C LYS B 79 -22.09 21.03 12.55
N LEU B 80 -21.27 21.53 13.48
CA LEU B 80 -20.55 20.72 14.46
C LEU B 80 -20.76 21.32 15.85
N PRO B 81 -22.00 21.30 16.35
CA PRO B 81 -22.34 22.13 17.52
C PRO B 81 -21.61 21.77 18.80
N GLU B 82 -21.21 20.51 19.00
CA GLU B 82 -20.49 20.11 20.20
C GLU B 82 -18.98 20.07 20.00
N TRP B 83 -18.45 20.77 18.99
CA TRP B 83 -17.02 20.96 18.82
C TRP B 83 -16.34 21.31 20.14
N LYS B 84 -17.04 22.09 20.98
CA LYS B 84 -16.54 22.49 22.28
C LYS B 84 -16.10 21.33 23.16
N ASN B 85 -16.60 20.11 22.90
CA ASN B 85 -16.17 18.99 23.71
C ASN B 85 -14.70 18.64 23.50
N LEU B 86 -14.12 19.03 22.37
CA LEU B 86 -12.74 18.68 22.09
C LEU B 86 -11.78 19.37 23.02
N ASP B 87 -10.72 18.64 23.40
CA ASP B 87 -9.71 19.17 24.32
C ASP B 87 -8.99 20.36 23.71
N PRO B 88 -9.00 21.53 24.36
CA PRO B 88 -8.38 22.71 23.73
C PRO B 88 -6.88 22.59 23.52
N GLU B 89 -6.18 21.86 24.39
CA GLU B 89 -4.72 21.73 24.23
C GLU B 89 -4.38 20.84 23.06
N LEU B 90 -5.13 19.76 22.87
CA LEU B 90 -4.91 18.96 21.67
C LEU B 90 -5.29 19.75 20.42
N LEU B 91 -6.35 20.56 20.48
CA LEU B 91 -6.65 21.39 19.31
C LEU B 91 -5.46 22.29 18.99
N LYS B 92 -4.81 22.85 20.01
CA LYS B 92 -3.68 23.76 19.74
C LYS B 92 -2.51 23.03 19.13
N LEU B 93 -2.23 21.80 19.58
CA LEU B 93 -1.17 21.02 18.95
C LEU B 93 -1.51 20.72 17.49
N VAL B 94 -2.77 20.37 17.21
CA VAL B 94 -3.16 20.08 15.83
C VAL B 94 -3.15 21.37 15.00
N ALA B 95 -3.43 22.50 15.63
CA ALA B 95 -3.45 23.78 14.91
C ALA B 95 -2.07 24.15 14.38
N LYS B 96 -1.00 23.54 14.91
CA LYS B 96 0.31 23.77 14.30
C LYS B 96 0.33 23.32 12.85
N HIS B 97 -0.45 22.30 12.51
CA HIS B 97 -0.58 21.76 11.18
C HIS B 97 -1.79 22.30 10.43
N ASP B 98 -2.82 22.70 11.16
CA ASP B 98 -4.12 23.12 10.63
C ASP B 98 -4.49 24.41 11.36
N PRO B 99 -3.96 25.54 10.89
CA PRO B 99 -4.16 26.81 11.59
C PRO B 99 -5.62 27.08 11.88
N ASP B 100 -5.91 27.44 13.12
CA ASP B 100 -7.25 27.77 13.57
C ASP B 100 -8.22 26.61 13.41
N ASN B 101 -7.70 25.40 13.32
CA ASN B 101 -8.48 24.15 13.28
C ASN B 101 -9.61 24.21 12.25
N LYS B 102 -9.25 24.61 11.02
CA LYS B 102 -10.25 24.82 9.99
C LYS B 102 -10.68 23.54 9.28
N PHE B 103 -9.83 22.53 9.21
CA PHE B 103 -10.08 21.37 8.36
C PHE B 103 -10.21 20.05 9.08
N ALA B 104 -9.68 19.91 10.30
CA ALA B 104 -9.54 18.59 10.90
C ALA B 104 -10.18 18.51 12.27
N MET B 105 -10.84 17.38 12.52
CA MET B 105 -11.43 17.13 13.84
C MET B 105 -10.56 16.11 14.56
N PRO B 106 -9.86 16.48 15.62
CA PRO B 106 -9.05 15.50 16.35
C PRO B 106 -9.88 14.30 16.81
N TYR B 107 -9.34 13.10 16.59
CA TYR B 107 -10.04 11.85 16.88
C TYR B 107 -9.41 11.11 18.05
N MET B 108 -8.18 10.62 17.86
CA MET B 108 -7.43 9.87 18.86
C MET B 108 -5.98 10.36 18.81
N TRP B 109 -5.24 10.11 19.87
CA TRP B 109 -3.81 10.43 19.84
C TRP B 109 -3.07 9.40 20.68
N ALA B 110 -1.81 9.24 20.36
CA ALA B 110 -0.94 8.36 21.15
C ALA B 110 0.51 8.61 20.80
N THR B 111 1.37 7.66 21.11
CA THR B 111 2.81 7.80 20.91
C THR B 111 3.35 6.60 20.17
N THR B 112 4.53 6.80 19.60
CA THR B 112 5.28 5.75 18.91
C THR B 112 6.37 5.27 19.87
N GLY B 113 6.20 4.04 20.39
CA GLY B 113 7.05 3.55 21.45
C GLY B 113 7.45 2.10 21.21
N ILE B 114 7.65 1.35 22.30
CA ILE B 114 8.15 -0.02 22.23
C ILE B 114 7.10 -0.95 22.80
N GLY B 115 6.61 -1.88 21.99
CA GLY B 115 5.79 -2.98 22.46
C GLY B 115 6.66 -4.21 22.64
N TYR B 116 6.36 -4.98 23.69
CA TYR B 116 7.24 -6.12 23.94
C TYR B 116 6.58 -7.20 24.77
N ASN B 117 7.11 -8.43 24.61
CA ASN B 117 6.67 -9.58 25.38
C ASN B 117 7.44 -9.58 26.70
N VAL B 118 6.73 -9.37 27.80
CA VAL B 118 7.38 -9.22 29.10
C VAL B 118 8.28 -10.41 29.40
N ASP B 119 7.73 -11.62 29.26
CA ASP B 119 8.46 -12.80 29.70
C ASP B 119 9.66 -13.08 28.81
N LYS B 120 9.52 -12.86 27.50
CA LYS B 120 10.61 -13.16 26.58
C LYS B 120 11.74 -12.15 26.70
N VAL B 121 11.41 -10.87 26.89
CA VAL B 121 12.47 -9.87 27.05
C VAL B 121 13.24 -10.12 28.32
N LYS B 122 12.55 -10.51 29.39
CA LYS B 122 13.26 -10.79 30.63
C LYS B 122 14.04 -12.09 30.52
N ALA B 123 13.53 -13.05 29.74
CA ALA B 123 14.29 -14.27 29.49
C ALA B 123 15.59 -13.96 28.76
N VAL B 124 15.54 -13.06 27.79
CA VAL B 124 16.69 -12.76 26.94
C VAL B 124 17.60 -11.73 27.59
N LEU B 125 17.06 -10.62 28.06
CA LEU B 125 17.88 -9.53 28.58
C LEU B 125 17.91 -9.45 30.10
N GLY B 126 17.22 -10.35 30.81
CA GLY B 126 17.26 -10.35 32.26
C GLY B 126 16.20 -9.48 32.91
N GLU B 127 16.08 -9.64 34.23
CA GLU B 127 15.08 -8.91 35.01
C GLU B 127 15.26 -7.41 34.91
N ASN B 128 16.49 -6.93 34.71
CA ASN B 128 16.77 -5.51 34.59
C ASN B 128 16.88 -5.04 33.14
N ALA B 129 16.27 -5.76 32.20
CA ALA B 129 16.23 -5.30 30.82
C ALA B 129 15.78 -3.84 30.79
N PRO B 130 16.38 -2.98 29.95
CA PRO B 130 16.06 -1.53 29.95
C PRO B 130 14.79 -1.21 29.16
N VAL B 131 13.66 -1.69 29.67
CA VAL B 131 12.41 -1.51 28.93
C VAL B 131 11.91 -0.08 29.00
N ASP B 132 12.56 0.78 29.78
CA ASP B 132 12.24 2.20 29.87
C ASP B 132 13.11 3.04 28.95
N SER B 133 13.81 2.43 28.01
CA SER B 133 14.77 3.15 27.20
C SER B 133 14.75 2.63 25.77
N TRP B 134 14.92 3.55 24.81
CA TRP B 134 15.11 3.13 23.43
C TRP B 134 16.34 2.24 23.27
N ASP B 135 17.24 2.22 24.26
CA ASP B 135 18.35 1.25 24.23
C ASP B 135 17.84 -0.17 24.02
N LEU B 136 16.63 -0.46 24.49
CA LEU B 136 16.14 -1.84 24.42
C LEU B 136 16.18 -2.34 22.98
N ILE B 137 15.90 -1.45 22.03
CA ILE B 137 15.72 -1.85 20.64
C ILE B 137 16.63 -1.09 19.67
N LEU B 138 17.24 0.03 20.08
CA LEU B 138 18.08 0.82 19.19
C LEU B 138 19.56 0.70 19.51
N LYS B 139 19.93 -0.09 20.52
CA LYS B 139 21.33 -0.43 20.74
C LYS B 139 21.62 -1.77 20.07
N PRO B 140 22.54 -1.83 19.11
CA PRO B 140 22.77 -3.10 18.40
C PRO B 140 23.02 -4.28 19.31
N GLU B 141 23.72 -4.08 20.42
CA GLU B 141 23.99 -5.18 21.34
CA GLU B 141 24.00 -5.18 21.35
C GLU B 141 22.71 -5.86 21.79
N ASN B 142 21.66 -5.07 22.04
CA ASN B 142 20.43 -5.63 22.57
C ASN B 142 19.55 -6.23 21.47
N LEU B 143 19.47 -5.55 20.33
CA LEU B 143 18.59 -6.02 19.27
C LEU B 143 19.08 -7.34 18.70
N GLU B 144 20.39 -7.58 18.75
CA GLU B 144 20.94 -8.84 18.28
C GLU B 144 20.42 -10.01 19.11
N LYS B 145 20.22 -9.80 20.42
CA LYS B 145 19.72 -10.87 21.27
C LYS B 145 18.22 -11.06 21.12
N LEU B 146 17.47 -9.95 21.02
CA LEU B 146 16.03 -10.07 20.90
C LEU B 146 15.58 -10.64 19.57
N LYS B 147 16.44 -10.59 18.55
CA LYS B 147 16.15 -11.28 17.31
C LYS B 147 15.68 -12.71 17.56
N SER B 148 16.15 -13.33 18.63
CA SER B 148 15.84 -14.74 18.87
C SER B 148 14.34 -14.97 18.96
N CYS B 149 13.57 -13.96 19.40
CA CYS B 149 12.14 -14.11 19.54
C CYS B 149 11.36 -13.16 18.64
N GLY B 150 12.05 -12.41 17.77
CA GLY B 150 11.39 -11.67 16.71
C GLY B 150 11.26 -10.16 16.93
N VAL B 151 11.68 -9.38 15.94
CA VAL B 151 11.71 -7.91 15.99
C VAL B 151 10.95 -7.35 14.80
N SER B 152 10.09 -6.36 15.02
CA SER B 152 9.47 -5.62 13.93
C SER B 152 9.58 -4.13 14.15
N PHE B 153 9.73 -3.39 13.05
CA PHE B 153 9.65 -1.93 13.06
C PHE B 153 8.45 -1.48 12.24
N LEU B 154 7.88 -0.34 12.63
CA LEU B 154 6.83 0.25 11.81
C LEU B 154 7.36 0.58 10.42
N ASP B 155 6.48 0.43 9.42
CA ASP B 155 6.76 0.89 8.07
C ASP B 155 6.32 2.35 7.94
N ALA B 156 6.96 3.20 8.73
CA ALA B 156 6.52 4.59 8.94
C ALA B 156 7.78 5.44 8.89
N PRO B 157 8.23 5.80 7.69
CA PRO B 157 9.55 6.42 7.56
C PRO B 157 9.75 7.69 8.36
N GLU B 158 8.78 8.60 8.36
CA GLU B 158 8.97 9.86 9.07
C GLU B 158 9.04 9.62 10.56
N GLU B 159 8.25 8.67 11.06
CA GLU B 159 8.26 8.37 12.50
C GLU B 159 9.54 7.66 12.92
N VAL B 160 10.00 6.69 12.11
CA VAL B 160 11.19 5.95 12.50
C VAL B 160 12.40 6.86 12.49
N PHE B 161 12.57 7.70 11.46
CA PHE B 161 13.73 8.58 11.41
C PHE B 161 13.71 9.62 12.54
N ALA B 162 12.55 10.20 12.85
CA ALA B 162 12.50 11.15 13.97
C ALA B 162 12.86 10.45 15.27
N THR B 163 12.41 9.19 15.42
CA THR B 163 12.73 8.42 16.63
C THR B 163 14.22 8.18 16.72
N VAL B 164 14.85 7.79 15.60
CA VAL B 164 16.29 7.54 15.58
C VAL B 164 17.06 8.83 15.81
N LEU B 165 16.64 9.92 15.17
CA LEU B 165 17.34 11.20 15.36
C LEU B 165 17.29 11.65 16.82
N ASN B 166 16.13 11.58 17.44
CA ASN B 166 16.03 11.93 18.86
C ASN B 166 16.95 11.06 19.69
N TYR B 167 16.96 9.77 19.41
CA TYR B 167 17.80 8.85 20.17
C TYR B 167 19.27 9.20 20.04
N LEU B 168 19.69 9.70 18.88
CA LEU B 168 21.08 10.09 18.65
C LEU B 168 21.41 11.48 19.20
N GLY B 169 20.48 12.14 19.88
CA GLY B 169 20.74 13.47 20.38
C GLY B 169 20.61 14.57 19.35
N LYS B 170 20.02 14.28 18.20
CA LYS B 170 19.76 15.27 17.17
C LYS B 170 18.35 15.84 17.33
N ASP B 171 18.13 16.96 16.68
CA ASP B 171 16.76 17.48 16.53
C ASP B 171 15.93 16.39 15.87
N PRO B 172 14.81 15.94 16.48
CA PRO B 172 13.99 14.92 15.83
C PRO B 172 13.53 15.33 14.43
N ASN B 173 13.38 16.62 14.21
CA ASN B 173 13.02 17.16 12.90
C ASN B 173 14.20 17.87 12.26
N SER B 174 15.38 17.29 12.40
CA SER B 174 16.58 17.88 11.84
C SER B 174 16.38 18.27 10.37
N THR B 175 16.93 19.44 10.02
CA THR B 175 16.96 19.91 8.65
C THR B 175 18.35 19.80 8.03
N LYS B 176 19.27 19.09 8.68
CA LYS B 176 20.62 18.84 8.17
C LYS B 176 20.64 17.49 7.48
N ALA B 177 20.86 17.52 6.16
CA ALA B 177 20.77 16.30 5.36
C ALA B 177 21.73 15.23 5.88
N ASP B 178 22.93 15.63 6.30
CA ASP B 178 23.92 14.66 6.74
C ASP B 178 23.46 13.89 7.97
N ASP B 179 22.54 14.45 8.77
CA ASP B 179 22.01 13.69 9.89
C ASP B 179 21.30 12.43 9.39
N TYR B 180 20.62 12.54 8.24
CA TYR B 180 19.88 11.38 7.70
C TYR B 180 20.81 10.43 6.98
N THR B 181 21.69 10.94 6.12
CA THR B 181 22.53 10.07 5.31
C THR B 181 23.64 9.43 6.11
N GLY B 182 24.06 10.07 7.21
CA GLY B 182 25.15 9.56 8.00
C GLY B 182 24.66 8.83 9.22
N PRO B 183 24.61 9.54 10.35
CA PRO B 183 24.34 8.86 11.63
C PRO B 183 23.04 8.06 11.66
N ALA B 184 21.94 8.63 11.16
CA ALA B 184 20.66 7.91 11.26
C ALA B 184 20.69 6.65 10.40
N THR B 185 21.18 6.78 9.17
CA THR B 185 21.25 5.62 8.29
C THR B 185 22.27 4.59 8.80
N ASP B 186 23.41 5.07 9.30
CA ASP B 186 24.40 4.17 9.87
C ASP B 186 23.80 3.29 10.95
N LEU B 187 23.10 3.90 11.91
CA LEU B 187 22.51 3.12 12.98
C LEU B 187 21.42 2.18 12.45
N LEU B 188 20.56 2.68 11.56
CA LEU B 188 19.48 1.83 11.08
C LEU B 188 20.03 0.63 10.31
N LEU B 189 21.12 0.81 9.55
CA LEU B 189 21.67 -0.31 8.81
C LEU B 189 22.38 -1.29 9.73
N LYS B 190 22.94 -0.80 10.84
CA LYS B 190 23.52 -1.69 11.83
C LYS B 190 22.44 -2.53 12.52
N LEU B 191 21.26 -1.95 12.73
CA LEU B 191 20.16 -2.69 13.32
C LEU B 191 19.48 -3.59 12.30
N ARG B 192 19.53 -3.22 11.03
CA ARG B 192 18.71 -3.87 10.01
C ARG B 192 18.79 -5.39 10.00
N PRO B 193 19.95 -6.03 10.15
CA PRO B 193 19.98 -7.51 10.10
C PRO B 193 19.13 -8.17 11.16
N ASN B 194 18.76 -7.46 12.23
CA ASN B 194 18.05 -8.05 13.35
C ASN B 194 16.54 -7.86 13.27
N ILE B 195 16.06 -7.12 12.28
CA ILE B 195 14.66 -6.81 12.13
C ILE B 195 14.01 -7.83 11.22
N ARG B 196 12.99 -8.54 11.75
CA ARG B 196 12.35 -9.56 10.92
C ARG B 196 11.54 -8.92 9.80
N TYR B 197 10.81 -7.83 10.11
CA TYR B 197 10.04 -7.15 9.08
C TYR B 197 9.72 -5.72 9.49
N PHE B 198 9.46 -4.91 8.45
CA PHE B 198 8.89 -3.58 8.61
C PHE B 198 7.40 -3.66 8.26
N HIS B 199 6.54 -3.43 9.24
CA HIS B 199 5.11 -3.48 8.95
C HIS B 199 4.38 -2.75 10.06
N SER B 200 3.26 -2.10 9.71
CA SER B 200 2.55 -1.26 10.65
C SER B 200 1.22 -1.84 11.14
N SER B 201 0.96 -3.13 10.86
CA SER B 201 -0.22 -3.74 11.49
C SER B 201 -0.06 -5.21 11.84
N GLN B 202 0.83 -5.94 11.13
CA GLN B 202 1.02 -7.35 11.43
C GLN B 202 1.55 -7.57 12.84
N TYR B 203 2.26 -6.58 13.39
CA TYR B 203 2.90 -6.75 14.70
C TYR B 203 1.91 -6.90 15.84
N ILE B 204 0.65 -6.49 15.64
CA ILE B 204 -0.34 -6.59 16.72
C ILE B 204 -0.62 -8.06 17.04
N ASN B 205 -1.11 -8.80 16.07
CA ASN B 205 -1.40 -10.20 16.35
C ASN B 205 -0.13 -10.99 16.60
N ASP B 206 0.99 -10.61 15.98
CA ASP B 206 2.23 -11.33 16.25
C ASP B 206 2.65 -11.14 17.71
N LEU B 207 2.45 -9.94 18.26
CA LEU B 207 2.69 -9.75 19.70
C LEU B 207 1.69 -10.57 20.51
N ALA B 208 0.40 -10.51 20.15
CA ALA B 208 -0.62 -11.20 20.92
C ALA B 208 -0.38 -12.70 20.95
N ASN B 209 0.11 -13.26 19.86
CA ASN B 209 0.28 -14.69 19.72
C ASN B 209 1.67 -15.17 20.13
N GLY B 210 2.57 -14.25 20.44
CA GLY B 210 3.90 -14.62 20.86
C GLY B 210 4.89 -14.86 19.74
N ASP B 211 4.57 -14.45 18.52
CA ASP B 211 5.47 -14.69 17.39
C ASP B 211 6.57 -13.65 17.26
N ILE B 212 6.38 -12.43 17.79
CA ILE B 212 7.48 -11.50 17.93
C ILE B 212 7.50 -11.06 19.40
N CYS B 213 8.68 -10.67 19.87
CA CYS B 213 8.80 -10.25 21.26
C CYS B 213 9.08 -8.78 21.46
N VAL B 214 9.41 -8.04 20.41
CA VAL B 214 9.62 -6.59 20.55
C VAL B 214 9.31 -5.91 19.22
N ALA B 215 8.79 -4.69 19.30
CA ALA B 215 8.40 -3.92 18.13
C ALA B 215 8.45 -2.43 18.43
N ILE B 216 8.84 -1.64 17.42
CA ILE B 216 8.41 -0.25 17.40
C ILE B 216 6.94 -0.26 17.00
N GLY B 217 6.10 0.34 17.83
CA GLY B 217 4.66 0.26 17.61
C GLY B 217 3.93 1.46 18.15
N TRP B 218 2.69 1.57 17.71
CA TRP B 218 1.79 2.58 18.22
C TRP B 218 1.11 2.10 19.50
N ALA B 219 0.99 2.99 20.48
CA ALA B 219 0.66 2.58 21.85
C ALA B 219 -0.61 1.72 21.89
N GLY B 220 -1.72 2.24 21.40
CA GLY B 220 -2.97 1.49 21.51
C GLY B 220 -2.96 0.17 20.77
N ASP B 221 -2.26 0.10 19.64
CA ASP B 221 -2.09 -1.18 18.96
C ASP B 221 -1.49 -2.23 19.90
N VAL B 222 -0.46 -1.82 20.65
CA VAL B 222 0.19 -2.75 21.56
C VAL B 222 -0.73 -3.12 22.71
N TRP B 223 -1.46 -2.14 23.25
CA TRP B 223 -2.40 -2.45 24.31
C TRP B 223 -3.51 -3.36 23.81
N GLN B 224 -3.90 -3.22 22.54
CA GLN B 224 -4.83 -4.20 21.96
C GLN B 224 -4.19 -5.57 21.90
N ALA B 225 -2.93 -5.65 21.44
CA ALA B 225 -2.25 -6.95 21.45
C ALA B 225 -2.27 -7.56 22.84
N SER B 226 -1.97 -6.76 23.86
CA SER B 226 -1.99 -7.28 25.23
C SER B 226 -3.36 -7.80 25.62
N ASN B 227 -4.42 -7.08 25.26
CA ASN B 227 -5.77 -7.50 25.61
C ASN B 227 -6.16 -8.76 24.83
N ARG B 228 -5.75 -8.85 23.57
CA ARG B 228 -6.01 -10.06 22.79
C ARG B 228 -5.33 -11.28 23.40
N ALA B 229 -4.10 -11.11 23.90
CA ALA B 229 -3.42 -12.21 24.58
C ALA B 229 -4.13 -12.58 25.88
N LYS B 230 -4.55 -11.58 26.67
CA LYS B 230 -5.28 -11.86 27.89
C LYS B 230 -6.51 -12.71 27.59
N GLU B 231 -7.28 -12.33 26.56
CA GLU B 231 -8.52 -13.02 26.27
C GLU B 231 -8.30 -14.41 25.66
N ALA B 232 -7.18 -14.61 24.97
CA ALA B 232 -6.88 -15.96 24.45
C ALA B 232 -6.51 -16.91 25.58
N LYS B 233 -6.18 -16.39 26.76
CA LYS B 233 -5.74 -17.19 27.90
C LYS B 233 -4.53 -18.04 27.51
N ASN B 234 -3.64 -17.45 26.70
CA ASN B 234 -2.48 -18.14 26.15
C ASN B 234 -1.20 -17.91 26.96
N GLY B 235 -1.28 -17.18 28.07
CA GLY B 235 -0.11 -16.92 28.88
C GLY B 235 0.83 -15.85 28.35
N VAL B 236 0.49 -15.20 27.25
CA VAL B 236 1.36 -14.17 26.68
C VAL B 236 1.09 -12.86 27.39
N ASN B 237 2.17 -12.23 27.88
CA ASN B 237 2.08 -10.97 28.63
C ASN B 237 2.76 -9.89 27.80
N VAL B 238 1.97 -8.99 27.23
CA VAL B 238 2.48 -7.94 26.36
C VAL B 238 2.37 -6.62 27.10
N SER B 239 3.40 -5.78 26.97
CA SER B 239 3.36 -4.44 27.53
C SER B 239 3.90 -3.43 26.54
N PHE B 240 3.84 -2.14 26.91
CA PHE B 240 4.26 -1.05 26.07
C PHE B 240 5.03 -0.03 26.91
N SER B 241 6.02 0.61 26.29
CA SER B 241 6.84 1.62 26.96
C SER B 241 6.92 2.89 26.14
N ILE B 242 6.69 4.04 26.78
CA ILE B 242 7.09 5.35 26.31
C ILE B 242 8.47 5.63 26.90
N PRO B 243 9.55 5.51 26.14
CA PRO B 243 10.89 5.50 26.75
C PRO B 243 11.29 6.84 27.37
N LYS B 244 12.28 6.75 28.29
CA LYS B 244 12.71 7.89 29.08
C LYS B 244 13.34 8.98 28.22
N GLU B 245 13.84 8.65 27.04
CA GLU B 245 14.45 9.64 26.16
C GLU B 245 13.43 10.46 25.41
N GLY B 246 12.15 10.18 25.59
CA GLY B 246 11.10 10.82 24.81
C GLY B 246 10.65 9.93 23.65
N ALA B 247 9.57 10.35 23.02
CA ALA B 247 8.99 9.60 21.92
C ALA B 247 8.14 10.53 21.11
N MET B 248 7.82 10.11 19.89
CA MET B 248 6.97 10.91 19.02
C MET B 248 5.50 10.77 19.44
N ALA B 249 4.80 11.88 19.54
CA ALA B 249 3.35 11.92 19.66
C ALA B 249 2.75 12.21 18.29
N PHE B 250 1.58 11.63 18.04
CA PHE B 250 0.83 11.88 16.82
C PHE B 250 -0.64 12.11 17.19
N PHE B 251 -1.33 12.82 16.32
CA PHE B 251 -2.74 13.19 16.50
C PHE B 251 -3.46 12.81 15.23
N ASP B 252 -4.31 11.80 15.29
CA ASP B 252 -5.09 11.37 14.11
C ASP B 252 -6.42 12.10 14.09
N VAL B 253 -6.78 12.58 12.91
CA VAL B 253 -7.83 13.57 12.78
C VAL B 253 -8.75 13.16 11.63
N PHE B 254 -10.05 13.37 11.81
CA PHE B 254 -10.99 13.24 10.71
C PHE B 254 -10.93 14.47 9.84
N ALA B 255 -10.93 14.24 8.53
CA ALA B 255 -10.97 15.32 7.55
C ALA B 255 -11.92 14.90 6.43
N MET B 256 -12.45 15.89 5.72
CA MET B 256 -13.48 15.66 4.72
C MET B 256 -12.92 16.00 3.35
N PRO B 257 -12.67 15.02 2.49
CA PRO B 257 -12.18 15.36 1.14
C PRO B 257 -13.08 16.37 0.45
N ALA B 258 -12.46 17.32 -0.26
CA ALA B 258 -13.22 18.36 -0.89
C ALA B 258 -14.25 17.82 -1.87
N ASP B 259 -13.99 16.68 -2.51
CA ASP B 259 -14.93 16.15 -3.48
C ASP B 259 -15.86 15.12 -2.88
N ALA B 260 -15.97 15.08 -1.54
CA ALA B 260 -16.89 14.15 -0.90
C ALA B 260 -18.31 14.28 -1.46
N LYS B 261 -18.92 13.14 -1.76
CA LYS B 261 -20.24 13.14 -2.36
C LYS B 261 -21.32 13.46 -1.33
N ASN B 262 -21.19 12.95 -0.12
CA ASN B 262 -22.24 13.03 0.89
C ASN B 262 -21.73 13.74 2.14
N LYS B 263 -21.52 15.06 2.02
CA LYS B 263 -20.98 15.81 3.14
C LYS B 263 -21.98 15.92 4.29
N ASP B 264 -23.28 16.05 4.00
CA ASP B 264 -24.26 16.13 5.08
C ASP B 264 -24.18 14.90 5.97
N GLU B 265 -24.12 13.71 5.35
CA GLU B 265 -23.99 12.48 6.13
C GLU B 265 -22.67 12.45 6.88
N ALA B 266 -21.61 12.96 6.26
CA ALA B 266 -20.32 13.03 6.93
C ALA B 266 -20.40 13.89 8.19
N TYR B 267 -21.08 15.05 8.10
CA TYR B 267 -21.23 15.87 9.30
C TYR B 267 -22.03 15.12 10.37
N GLN B 268 -23.04 14.34 9.98
CA GLN B 268 -23.78 13.56 10.95
C GLN B 268 -22.86 12.60 11.67
N PHE B 269 -21.95 11.96 10.95
CA PHE B 269 -21.03 11.02 11.61
C PHE B 269 -20.05 11.76 12.52
N LEU B 270 -19.50 12.90 12.07
CA LEU B 270 -18.61 13.66 12.96
C LEU B 270 -19.32 14.08 14.24
N ASN B 271 -20.58 14.53 14.14
CA ASN B 271 -21.33 14.90 15.34
C ASN B 271 -21.57 13.70 16.23
N TYR B 272 -21.79 12.52 15.63
CA TYR B 272 -21.89 11.29 16.41
C TYR B 272 -20.60 11.03 17.19
N LEU B 273 -19.44 11.19 16.54
CA LEU B 273 -18.15 10.99 17.21
C LEU B 273 -17.87 12.04 18.28
N LEU B 274 -18.46 13.24 18.17
CA LEU B 274 -18.32 14.25 19.20
C LEU B 274 -19.12 13.96 20.46
N ARG B 275 -20.07 13.05 20.39
CA ARG B 275 -20.81 12.65 21.59
C ARG B 275 -19.86 11.97 22.57
N PRO B 276 -19.78 12.41 23.82
CA PRO B 276 -18.79 11.82 24.73
C PRO B 276 -18.93 10.32 24.93
N ASP B 277 -20.16 9.81 24.95
CA ASP B 277 -20.32 8.37 25.20
C ASP B 277 -19.86 7.56 24.00
N VAL B 278 -20.06 8.07 22.79
CA VAL B 278 -19.65 7.34 21.60
C VAL B 278 -18.13 7.21 21.54
N VAL B 279 -17.41 8.32 21.75
CA VAL B 279 -15.98 8.25 21.54
C VAL B 279 -15.29 7.57 22.74
N ALA B 280 -15.84 7.72 23.95
CA ALA B 280 -15.32 7.00 25.11
C ALA B 280 -15.44 5.49 24.91
N HIS B 281 -16.56 5.04 24.33
CA HIS B 281 -16.75 3.63 24.01
C HIS B 281 -15.69 3.13 23.03
N ILE B 282 -15.34 3.96 22.04
CA ILE B 282 -14.26 3.59 21.11
C ILE B 282 -12.95 3.40 21.87
N SER B 283 -12.57 4.40 22.67
CA SER B 283 -11.35 4.29 23.46
C SER B 283 -11.35 3.03 24.30
N ASP B 284 -12.50 2.67 24.88
CA ASP B 284 -12.59 1.46 25.70
C ASP B 284 -12.14 0.22 24.92
N HIS B 285 -12.42 0.18 23.63
CA HIS B 285 -12.13 -1.00 22.82
C HIS B 285 -10.79 -0.94 22.10
N VAL B 286 -10.32 0.24 21.72
CA VAL B 286 -9.09 0.32 20.94
C VAL B 286 -7.89 0.74 21.78
N PHE B 287 -8.08 1.12 23.04
CA PHE B 287 -7.00 1.43 23.97
C PHE B 287 -6.19 2.64 23.50
N TYR B 288 -6.89 3.60 22.91
CA TYR B 288 -6.33 4.90 22.54
C TYR B 288 -7.03 6.01 23.28
N ALA B 289 -6.26 7.02 23.70
CA ALA B 289 -6.84 8.22 24.20
C ALA B 289 -7.56 8.95 23.08
N ASN B 290 -8.80 9.36 23.34
CA ASN B 290 -9.50 10.21 22.40
C ASN B 290 -9.16 11.67 22.69
N ALA B 291 -9.60 12.57 21.81
CA ALA B 291 -9.28 13.97 21.88
C ALA B 291 -10.43 14.80 22.44
N ASN B 292 -11.38 14.13 23.12
CA ASN B 292 -12.63 14.71 23.59
C ASN B 292 -12.55 14.84 25.10
N LYS B 293 -12.43 16.09 25.59
CA LYS B 293 -12.25 16.31 27.01
C LYS B 293 -13.52 15.95 27.76
N ALA B 294 -14.68 16.17 27.15
CA ALA B 294 -15.94 15.81 27.78
C ALA B 294 -16.10 14.30 27.94
N ALA B 295 -15.36 13.51 27.16
CA ALA B 295 -15.49 12.05 27.15
C ALA B 295 -14.65 11.38 28.23
N THR B 296 -13.63 12.06 28.73
CA THR B 296 -12.69 11.41 29.63
C THR B 296 -13.34 10.73 30.82
N PRO B 297 -14.33 11.32 31.52
CA PRO B 297 -14.92 10.63 32.66
C PRO B 297 -15.63 9.34 32.31
N LEU B 298 -16.03 9.16 31.05
CA LEU B 298 -16.71 7.93 30.64
C LEU B 298 -15.75 6.82 30.23
N VAL B 299 -14.48 7.15 29.97
CA VAL B 299 -13.55 6.11 29.52
C VAL B 299 -13.32 5.14 30.67
N SER B 300 -13.21 3.85 30.35
CA SER B 300 -12.98 2.85 31.38
C SER B 300 -11.70 3.17 32.17
N ALA B 301 -11.72 2.78 33.45
CA ALA B 301 -10.54 2.99 34.28
C ALA B 301 -9.32 2.29 33.70
N GLU B 302 -9.51 1.08 33.16
CA GLU B 302 -8.41 0.35 32.56
C GLU B 302 -7.66 1.18 31.53
N VAL B 303 -8.40 1.90 30.69
CA VAL B 303 -7.78 2.69 29.62
C VAL B 303 -7.35 4.06 30.12
N ARG B 304 -8.25 4.75 30.85
CA ARG B 304 -8.00 6.14 31.21
C ARG B 304 -6.81 6.26 32.16
N GLU B 305 -6.63 5.30 33.03
CA GLU B 305 -5.58 5.33 34.04
C GLU B 305 -4.28 4.67 33.58
N ASN B 306 -4.21 4.23 32.34
CA ASN B 306 -2.99 3.60 31.82
C ASN B 306 -2.04 4.71 31.40
N PRO B 307 -0.90 4.86 32.07
CA PRO B 307 0.03 5.97 31.74
C PRO B 307 0.72 5.79 30.40
N GLY B 308 0.54 4.64 29.74
CA GLY B 308 0.97 4.46 28.36
C GLY B 308 -0.10 4.77 27.33
N ILE B 309 -1.26 5.22 27.77
CA ILE B 309 -2.35 5.65 26.92
C ILE B 309 -2.69 7.11 27.14
N TYR B 310 -2.93 7.50 28.41
CA TYR B 310 -3.09 8.87 28.87
C TYR B 310 -1.87 9.20 29.72
N PRO B 311 -0.74 9.60 29.14
CA PRO B 311 0.48 9.73 29.93
C PRO B 311 0.44 10.95 30.82
N PRO B 312 1.21 10.94 31.89
CA PRO B 312 1.23 12.05 32.83
C PRO B 312 2.02 13.23 32.25
N ALA B 313 1.93 14.36 32.97
CA ALA B 313 2.44 15.61 32.43
C ALA B 313 3.95 15.54 32.21
N ASP B 314 4.67 14.90 33.12
CA ASP B 314 6.12 14.82 33.01
C ASP B 314 6.54 13.97 31.81
N VAL B 315 5.71 12.99 31.42
CA VAL B 315 5.99 12.24 30.20
C VAL B 315 5.62 13.05 28.97
N ARG B 316 4.47 13.74 28.99
CA ARG B 316 4.07 14.52 27.83
C ARG B 316 5.12 15.58 27.50
N ALA B 317 5.84 16.07 28.52
CA ALA B 317 6.84 17.10 28.31
C ALA B 317 8.03 16.60 27.50
N LYS B 318 8.26 15.28 27.45
CA LYS B 318 9.34 14.71 26.70
C LYS B 318 8.92 14.26 25.31
N LEU B 319 7.67 14.46 24.93
CA LEU B 319 7.19 14.02 23.63
C LEU B 319 7.44 15.12 22.61
N PHE B 320 7.82 14.71 21.40
CA PHE B 320 8.03 15.60 20.27
C PHE B 320 7.02 15.24 19.20
N THR B 321 6.83 16.16 18.26
CA THR B 321 5.93 15.95 17.15
C THR B 321 6.68 16.16 15.83
N LEU B 322 6.15 15.56 14.76
CA LEU B 322 6.75 15.74 13.46
C LEU B 322 6.44 17.13 12.91
N LYS B 323 7.41 17.68 12.22
CA LYS B 323 7.23 18.86 11.41
C LYS B 323 7.37 18.47 9.95
N VAL B 324 6.66 19.17 9.08
CA VAL B 324 6.80 18.96 7.65
C VAL B 324 8.15 19.47 7.17
N GLN B 325 8.81 18.69 6.32
CA GLN B 325 10.14 19.04 5.83
C GLN B 325 10.03 19.66 4.44
N ASP B 326 11.01 20.47 4.09
CA ASP B 326 11.06 21.05 2.76
C ASP B 326 11.55 19.98 1.79
N PRO B 327 11.51 20.27 0.49
CA PRO B 327 11.79 19.20 -0.49
C PRO B 327 13.15 18.56 -0.37
N LYS B 328 14.22 19.33 -0.08
CA LYS B 328 15.54 18.70 -0.04
C LYS B 328 15.59 17.59 1.00
N ILE B 329 15.17 17.89 2.22
CA ILE B 329 15.23 16.90 3.29
C ILE B 329 14.21 15.81 3.06
N ASP B 330 13.05 16.16 2.54
CA ASP B 330 12.06 15.14 2.25
C ASP B 330 12.64 14.11 1.30
N ARG B 331 13.36 14.57 0.28
CA ARG B 331 13.96 13.68 -0.70
C ARG B 331 15.03 12.78 -0.08
N VAL B 332 15.93 13.36 0.70
CA VAL B 332 17.03 12.56 1.24
C VAL B 332 16.50 11.54 2.23
N ARG B 333 15.50 11.92 3.03
CA ARG B 333 14.88 10.99 3.98
C ARG B 333 14.24 9.81 3.24
N THR B 334 13.46 10.10 2.20
CA THR B 334 12.80 9.02 1.46
C THR B 334 13.83 8.09 0.84
N ARG B 335 14.88 8.65 0.26
CA ARG B 335 15.95 7.84 -0.33
C ARG B 335 16.60 6.95 0.73
N ALA B 336 16.89 7.54 1.91
CA ALA B 336 17.54 6.78 2.97
C ALA B 336 16.65 5.65 3.48
N TRP B 337 15.35 5.91 3.57
CA TRP B 337 14.40 4.88 4.00
C TRP B 337 14.45 3.67 3.10
N THR B 338 14.49 3.88 1.78
CA THR B 338 14.54 2.74 0.88
C THR B 338 15.83 1.95 1.07
N LYS B 339 16.95 2.65 1.27
CA LYS B 339 18.21 1.97 1.55
C LYS B 339 18.12 1.13 2.82
N VAL B 340 17.45 1.64 3.84
CA VAL B 340 17.36 0.94 5.12
C VAL B 340 16.50 -0.32 5.01
N LYS B 341 15.35 -0.22 4.37
CA LYS B 341 14.47 -1.38 4.30
C LYS B 341 15.08 -2.50 3.49
N SER B 342 15.80 -2.17 2.42
CA SER B 342 16.47 -3.16 1.57
C SER B 342 17.87 -3.50 2.04
N GLY B 343 18.18 -3.22 3.30
CA GLY B 343 19.51 -3.50 3.85
C GLY B 343 19.74 -4.96 4.15
#